data_2R0V
#
_entry.id   2R0V
#
_cell.length_a   123.246
_cell.length_b   83.169
_cell.length_c   127.059
_cell.angle_alpha   90.00
_cell.angle_beta   109.27
_cell.angle_gamma   90.00
#
_symmetry.space_group_name_H-M   'C 1 2 1'
#
loop_
_entity.id
_entity.type
_entity.pdbx_description
1 polymer 'Chromatin structure-remodeling complex protein RSC4'
2 non-polymer 'SULFATE ION'
3 water water
#
_entity_poly.entity_id   1
_entity_poly.type   'polypeptide(L)'
_entity_poly.pdbx_seq_one_letter_code
;GIDPFTMVVKKRKLATEAGGSDERPKYLPG(ALY)HPKNQEKTPHVDYNAPLNPKSELFLDDWHIPKFNRFISFTLDVLI
DKYKDIFKDFIKLPSRKFHPQYYYKIQQPMSINEIKSRDYEYEDGPSNFLLDVELLTKNCQAYNEYDSLIVKNSMQVVML
IEFEVLKAKNLKRNYLINSEVKAKLLHYLNKLVDATEKKINQALLGASSPKNLDDKVKLSEPFMELVDKDELPEYYEIVH
SPMALSIVKQNLEIGQYSKIYDFIIDMLLVFQNAHIFNDPSALIYKDATTLTNYFNYLIQKEFFPELQDLNERGEINLEF
DKFEFENYLAIGGGGPAAAGALAISALDND
;
_entity_poly.pdbx_strand_id   A,B,C
#
loop_
_chem_comp.id
_chem_comp.type
_chem_comp.name
_chem_comp.formula
SO4 non-polymer 'SULFATE ION' 'O4 S -2'
#
# COMPACT_ATOMS: atom_id res chain seq x y z
N PRO A 25 -13.38 8.00 -22.96
CA PRO A 25 -14.54 8.62 -22.31
C PRO A 25 -15.59 9.12 -23.30
N LYS A 26 -16.85 8.97 -22.94
CA LYS A 26 -17.92 9.55 -23.70
C LYS A 26 -18.12 11.02 -23.38
N TYR A 27 -17.85 11.38 -22.12
CA TYR A 27 -17.96 12.75 -21.63
C TYR A 27 -16.64 13.51 -21.69
N LEU A 28 -16.47 14.32 -22.74
CA LEU A 28 -15.22 15.05 -22.95
C LEU A 28 -15.21 16.33 -22.09
N PRO A 29 -14.01 16.80 -21.68
CA PRO A 29 -13.95 17.95 -20.76
C PRO A 29 -14.12 19.31 -21.48
N GLY A 30 -14.12 20.39 -20.72
CA GLY A 30 -14.30 21.74 -21.26
C GLY A 30 -15.74 22.08 -21.56
OH ALY A 31 -17.32 27.42 -17.01
CH ALY A 31 -17.73 27.59 -18.15
CH3 ALY A 31 -19.19 27.42 -18.48
NZ ALY A 31 -16.87 27.91 -19.13
CE ALY A 31 -17.10 28.22 -20.53
CD ALY A 31 -17.63 27.08 -21.38
CG ALY A 31 -16.54 26.17 -21.86
CB ALY A 31 -17.16 25.22 -22.86
CA ALY A 31 -17.29 23.79 -22.36
N ALY A 31 -15.95 23.28 -22.08
C ALY A 31 -18.04 23.03 -23.40
O ALY A 31 -17.43 22.45 -24.30
N HIS A 32 -19.37 23.00 -23.29
CA HIS A 32 -20.27 22.53 -24.34
C HIS A 32 -21.42 23.52 -24.48
N PRO A 33 -21.18 24.61 -25.20
CA PRO A 33 -22.11 25.73 -25.29
C PRO A 33 -23.46 25.34 -25.90
N LYS A 34 -24.55 25.86 -25.34
CA LYS A 34 -25.88 25.65 -25.92
C LYS A 34 -26.00 26.39 -27.24
N ASN A 35 -25.37 27.55 -27.35
CA ASN A 35 -25.50 28.44 -28.52
C ASN A 35 -26.93 28.72 -28.98
N GLN A 36 -27.83 28.99 -28.04
CA GLN A 36 -29.21 29.30 -28.41
C GLN A 36 -29.41 30.80 -28.52
N GLU A 37 -30.41 31.22 -29.29
CA GLU A 37 -30.70 32.64 -29.50
C GLU A 37 -31.03 33.40 -28.21
N LYS A 38 -31.97 32.87 -27.43
CA LYS A 38 -32.30 33.46 -26.14
C LYS A 38 -31.70 32.61 -25.03
N THR A 39 -30.61 33.09 -24.46
CA THR A 39 -29.97 32.43 -23.32
C THR A 39 -30.77 32.73 -22.04
N PRO A 40 -30.98 31.71 -21.18
CA PRO A 40 -31.85 31.87 -19.99
C PRO A 40 -31.32 32.89 -18.96
N HIS A 41 -32.22 33.68 -18.37
CA HIS A 41 -31.85 34.67 -17.35
C HIS A 41 -31.51 33.95 -16.04
N VAL A 42 -30.37 34.31 -15.45
CA VAL A 42 -29.96 33.75 -14.17
C VAL A 42 -30.46 34.60 -13.01
N ASP A 43 -31.34 34.03 -12.20
CA ASP A 43 -31.86 34.70 -11.02
C ASP A 43 -30.89 34.56 -9.86
N TYR A 44 -30.07 35.58 -9.64
CA TYR A 44 -29.10 35.56 -8.56
C TYR A 44 -29.69 35.26 -7.14
N ASN A 45 -30.86 35.83 -6.85
CA ASN A 45 -31.45 35.82 -5.50
C ASN A 45 -32.22 34.56 -5.12
N ALA A 46 -32.55 33.72 -6.11
CA ALA A 46 -33.29 32.49 -5.85
C ALA A 46 -32.29 31.41 -5.45
N PRO A 47 -32.35 30.93 -4.19
CA PRO A 47 -31.47 29.80 -3.85
C PRO A 47 -31.87 28.55 -4.62
N LEU A 48 -30.90 27.68 -4.92
CA LEU A 48 -31.19 26.37 -5.50
C LEU A 48 -32.21 25.58 -4.67
N ASN A 49 -32.06 25.63 -3.35
CA ASN A 49 -33.06 25.06 -2.44
C ASN A 49 -33.48 26.07 -1.36
N PRO A 50 -34.55 26.83 -1.63
CA PRO A 50 -34.97 27.94 -0.76
C PRO A 50 -35.35 27.51 0.65
N LYS A 51 -35.60 26.23 0.81
CA LYS A 51 -35.97 25.64 2.07
C LYS A 51 -34.80 25.08 2.86
N SER A 52 -33.61 25.21 2.32
CA SER A 52 -32.41 24.74 3.01
C SER A 52 -32.19 25.51 4.30
N GLU A 53 -31.83 24.80 5.37
CA GLU A 53 -31.52 25.43 6.64
C GLU A 53 -30.41 26.48 6.51
N LEU A 54 -29.60 26.38 5.46
CA LEU A 54 -28.49 27.32 5.23
C LEU A 54 -28.99 28.72 4.91
N PHE A 55 -30.22 28.79 4.39
CA PHE A 55 -30.90 30.04 4.07
C PHE A 55 -31.97 30.45 5.05
N LEU A 56 -32.53 29.51 5.81
CA LEU A 56 -33.63 29.84 6.73
C LEU A 56 -33.19 30.08 8.16
N ASP A 57 -32.03 29.56 8.55
CA ASP A 57 -31.49 29.80 9.90
C ASP A 57 -30.55 31.00 9.90
N ASP A 58 -30.61 31.80 10.96
CA ASP A 58 -29.69 32.93 11.14
C ASP A 58 -28.42 32.40 11.77
N TRP A 59 -27.37 32.30 10.99
CA TRP A 59 -26.11 31.80 11.49
C TRP A 59 -25.02 32.70 10.93
N HIS A 60 -23.97 32.89 11.70
CA HIS A 60 -22.72 33.45 11.21
C HIS A 60 -21.54 32.71 11.84
N ILE A 61 -20.50 32.53 11.03
CA ILE A 61 -19.27 31.90 11.48
C ILE A 61 -18.32 33.04 11.80
N PRO A 62 -17.74 33.06 13.02
CA PRO A 62 -16.79 34.13 13.29
C PRO A 62 -15.60 33.99 12.35
N LYS A 63 -15.06 35.11 11.88
CA LYS A 63 -13.95 35.14 10.92
C LYS A 63 -14.30 34.41 9.63
N PHE A 64 -15.50 34.68 9.10
CA PHE A 64 -16.06 33.94 7.95
C PHE A 64 -15.13 33.95 6.74
N ASN A 65 -14.50 35.09 6.46
CA ASN A 65 -13.56 35.21 5.35
C ASN A 65 -12.40 34.21 5.44
N ARG A 66 -11.88 33.97 6.65
CA ARG A 66 -10.82 32.99 6.84
C ARG A 66 -11.36 31.57 6.65
N PHE A 67 -12.56 31.34 7.15
CA PHE A 67 -13.20 30.06 6.97
C PHE A 67 -13.38 29.76 5.45
N ILE A 68 -13.74 30.78 4.67
CA ILE A 68 -14.03 30.62 3.24
C ILE A 68 -12.79 30.24 2.46
N SER A 69 -11.67 30.91 2.72
CA SER A 69 -10.43 30.66 2.00
C SER A 69 -9.81 29.32 2.38
N PHE A 70 -9.85 29.01 3.66
CA PHE A 70 -9.43 27.71 4.16
C PHE A 70 -10.23 26.61 3.49
N THR A 71 -11.56 26.71 3.55
CA THR A 71 -12.43 25.65 3.05
C THR A 71 -12.27 25.46 1.55
N LEU A 72 -12.26 26.57 0.80
CA LEU A 72 -12.12 26.54 -0.66
C LEU A 72 -10.76 25.99 -1.11
N ASP A 73 -9.70 26.29 -0.37
CA ASP A 73 -8.35 25.76 -0.64
C ASP A 73 -8.22 24.25 -0.44
N VAL A 74 -8.76 23.76 0.68
CA VAL A 74 -8.86 22.31 0.95
C VAL A 74 -9.64 21.59 -0.17
N LEU A 75 -10.79 22.11 -0.55
CA LEU A 75 -11.62 21.51 -1.60
C LEU A 75 -10.92 21.46 -2.96
N ILE A 76 -10.22 22.55 -3.31
CA ILE A 76 -9.44 22.58 -4.55
C ILE A 76 -8.29 21.55 -4.52
N ASP A 77 -7.59 21.45 -3.40
CA ASP A 77 -6.51 20.45 -3.26
C ASP A 77 -7.03 19.03 -3.42
N LYS A 78 -8.11 18.73 -2.70
CA LYS A 78 -8.73 17.41 -2.64
C LYS A 78 -9.45 17.03 -3.94
N TYR A 79 -10.05 18.00 -4.63
CA TYR A 79 -10.81 17.73 -5.85
C TYR A 79 -10.36 18.56 -7.05
N LYS A 80 -9.05 18.56 -7.33
CA LYS A 80 -8.48 19.45 -8.37
C LYS A 80 -9.23 19.38 -9.70
N ASP A 81 -9.54 18.19 -10.15
CA ASP A 81 -10.02 18.05 -11.49
C ASP A 81 -11.50 18.24 -11.63
N ILE A 82 -12.21 18.26 -10.54
CA ILE A 82 -13.49 18.92 -10.55
C ILE A 82 -13.61 20.42 -10.39
N PHE A 83 -12.75 21.00 -9.58
CA PHE A 83 -12.81 22.40 -9.27
C PHE A 83 -12.16 23.25 -10.32
N LYS A 84 -11.37 22.67 -11.19
CA LYS A 84 -10.41 23.40 -11.97
C LYS A 84 -10.95 24.34 -13.03
N ASP A 85 -12.05 24.01 -13.65
CA ASP A 85 -12.71 24.94 -14.58
C ASP A 85 -13.47 26.10 -13.92
N PHE A 86 -13.41 26.19 -12.59
CA PHE A 86 -14.25 27.14 -11.85
C PHE A 86 -13.43 28.04 -10.99
N ILE A 87 -12.11 27.82 -11.01
CA ILE A 87 -11.18 28.60 -10.21
C ILE A 87 -11.06 30.01 -10.77
N LYS A 88 -10.74 30.10 -12.07
CA LYS A 88 -10.69 31.40 -12.73
C LYS A 88 -12.00 31.59 -13.50
N LEU A 89 -12.26 32.83 -13.90
CA LEU A 89 -13.36 33.11 -14.82
C LEU A 89 -13.08 32.46 -16.20
N PRO A 90 -14.15 32.06 -16.92
CA PRO A 90 -13.96 31.52 -18.26
C PRO A 90 -13.17 32.49 -19.10
N SER A 91 -12.26 31.94 -19.90
CA SER A 91 -11.34 32.73 -20.73
C SER A 91 -12.09 33.51 -21.79
N ARG A 92 -11.95 34.84 -21.75
CA ARG A 92 -12.52 35.69 -22.78
C ARG A 92 -11.81 35.46 -24.12
N LYS A 93 -10.53 35.09 -24.05
CA LYS A 93 -9.75 34.80 -25.26
C LYS A 93 -10.30 33.60 -26.06
N PHE A 94 -10.61 32.50 -25.38
CA PHE A 94 -11.16 31.31 -26.02
C PHE A 94 -12.68 31.27 -26.10
N HIS A 95 -13.36 31.93 -25.16
CA HIS A 95 -14.83 31.94 -25.16
C HIS A 95 -15.41 33.37 -25.00
N PRO A 96 -15.15 34.26 -25.97
CA PRO A 96 -15.54 35.67 -25.83
C PRO A 96 -17.04 35.89 -25.62
N GLN A 97 -17.87 35.05 -26.24
CA GLN A 97 -19.32 35.15 -26.14
C GLN A 97 -19.93 34.71 -24.79
N TYR A 98 -19.10 34.15 -23.92
CA TYR A 98 -19.51 33.88 -22.54
C TYR A 98 -19.99 35.18 -21.91
N TYR A 99 -19.25 36.25 -22.21
CA TYR A 99 -19.44 37.55 -21.58
C TYR A 99 -20.58 38.36 -22.16
N TYR A 100 -21.13 37.89 -23.27
CA TYR A 100 -22.36 38.45 -23.80
C TYR A 100 -23.60 37.76 -23.26
N LYS A 101 -23.44 36.51 -22.85
CA LYS A 101 -24.58 35.70 -22.46
C LYS A 101 -24.73 35.57 -20.93
N ILE A 102 -23.63 35.71 -20.21
CA ILE A 102 -23.68 35.57 -18.77
C ILE A 102 -23.57 36.93 -18.09
N GLN A 103 -24.65 37.31 -17.40
CA GLN A 103 -24.76 38.62 -16.73
C GLN A 103 -23.79 38.77 -15.57
N GLN A 104 -23.69 37.76 -14.70
CA GLN A 104 -22.81 37.82 -13.52
C GLN A 104 -21.82 36.68 -13.48
N PRO A 105 -20.74 36.76 -14.28
CA PRO A 105 -19.77 35.68 -14.23
C PRO A 105 -19.18 35.57 -12.84
N MET A 106 -18.84 34.34 -12.42
CA MET A 106 -18.34 34.08 -11.07
C MET A 106 -17.23 33.02 -11.10
N SER A 107 -16.29 33.14 -10.18
CA SER A 107 -15.29 32.10 -9.95
C SER A 107 -14.94 31.97 -8.47
N ILE A 108 -14.22 30.90 -8.14
CA ILE A 108 -13.73 30.65 -6.79
C ILE A 108 -12.69 31.69 -6.39
N ASN A 109 -11.83 32.10 -7.32
CA ASN A 109 -10.90 33.19 -7.06
C ASN A 109 -11.64 34.46 -6.71
N GLU A 110 -12.73 34.72 -7.42
CA GLU A 110 -13.51 35.91 -7.14
C GLU A 110 -14.15 35.86 -5.74
N ILE A 111 -14.76 34.71 -5.40
CA ILE A 111 -15.38 34.47 -4.09
C ILE A 111 -14.34 34.64 -2.95
N LYS A 112 -13.13 34.18 -3.18
CA LYS A 112 -12.05 34.27 -2.18
C LYS A 112 -11.58 35.69 -1.98
N SER A 113 -11.75 36.52 -3.00
CA SER A 113 -11.33 37.91 -2.93
C SER A 113 -12.36 38.84 -2.27
N ARG A 114 -13.53 38.30 -1.92
CA ARG A 114 -14.62 39.13 -1.40
C ARG A 114 -14.78 39.05 0.11
N ASP A 115 -15.41 40.09 0.66
CA ASP A 115 -15.69 40.19 2.08
C ASP A 115 -17.11 39.71 2.34
N TYR A 116 -17.25 38.69 3.17
CA TYR A 116 -18.57 38.18 3.54
C TYR A 116 -18.86 38.34 5.04
N GLU A 117 -18.11 39.22 5.69
CA GLU A 117 -18.28 39.47 7.12
C GLU A 117 -19.17 40.70 7.39
N TYR A 118 -20.44 40.54 7.03
CA TYR A 118 -21.49 41.53 7.30
C TYR A 118 -22.76 40.71 7.47
N GLU A 119 -23.89 41.36 7.70
CA GLU A 119 -25.10 40.65 8.11
C GLU A 119 -25.63 39.63 7.08
N ASP A 120 -25.68 40.01 5.79
CA ASP A 120 -26.12 39.07 4.73
C ASP A 120 -25.00 38.29 4.06
N GLY A 121 -23.80 38.38 4.63
CA GLY A 121 -22.61 37.65 4.14
C GLY A 121 -22.84 36.18 3.84
N PRO A 122 -23.37 35.42 4.83
CA PRO A 122 -23.57 33.98 4.65
C PRO A 122 -24.40 33.64 3.41
N SER A 123 -25.54 34.33 3.24
CA SER A 123 -26.40 34.04 2.11
C SER A 123 -25.90 34.64 0.79
N ASN A 124 -25.21 35.78 0.84
CA ASN A 124 -24.52 36.26 -0.36
C ASN A 124 -23.37 35.33 -0.79
N PHE A 125 -22.67 34.73 0.18
CA PHE A 125 -21.60 33.77 -0.12
C PHE A 125 -22.21 32.55 -0.82
N LEU A 126 -23.28 32.02 -0.24
CA LEU A 126 -23.96 30.85 -0.80
C LEU A 126 -24.51 31.11 -2.20
N LEU A 127 -25.14 32.27 -2.42
CA LEU A 127 -25.70 32.61 -3.73
C LEU A 127 -24.62 32.85 -4.78
N ASP A 128 -23.49 33.38 -4.35
CA ASP A 128 -22.29 33.50 -5.16
C ASP A 128 -21.76 32.13 -5.59
N VAL A 129 -21.65 31.22 -4.62
CA VAL A 129 -21.28 29.81 -4.88
C VAL A 129 -22.26 29.14 -5.87
N GLU A 130 -23.57 29.32 -5.68
CA GLU A 130 -24.56 28.72 -6.58
C GLU A 130 -24.49 29.26 -8.04
N LEU A 131 -24.03 30.50 -8.19
CA LEU A 131 -23.82 31.10 -9.52
C LEU A 131 -22.90 30.23 -10.34
N LEU A 132 -21.92 29.61 -9.69
CA LEU A 132 -21.01 28.69 -10.35
C LEU A 132 -21.74 27.59 -11.12
N THR A 133 -22.82 27.04 -10.56
CA THR A 133 -23.57 26.02 -11.29
C THR A 133 -24.66 26.62 -12.15
N LYS A 134 -25.33 27.67 -11.66
CA LYS A 134 -26.37 28.39 -12.39
C LYS A 134 -25.85 28.97 -13.71
N ASN A 135 -24.68 29.60 -13.67
CA ASN A 135 -24.08 30.12 -14.90
C ASN A 135 -23.70 29.00 -15.83
N CYS A 136 -23.17 27.92 -15.25
CA CYS A 136 -22.70 26.79 -16.04
C CYS A 136 -23.86 26.15 -16.79
N GLN A 137 -24.97 25.97 -16.09
CA GLN A 137 -26.21 25.45 -16.70
C GLN A 137 -26.83 26.37 -17.72
N ALA A 138 -26.63 27.68 -17.56
CA ALA A 138 -27.16 28.64 -18.52
C ALA A 138 -26.38 28.59 -19.82
N TYR A 139 -25.06 28.45 -19.70
CA TYR A 139 -24.16 28.52 -20.88
C TYR A 139 -24.03 27.20 -21.66
N ASN A 140 -24.00 26.08 -20.92
CA ASN A 140 -23.64 24.76 -21.42
C ASN A 140 -24.79 23.79 -21.44
N GLU A 141 -24.72 22.82 -22.34
CA GLU A 141 -25.63 21.67 -22.39
C GLU A 141 -25.77 21.01 -21.03
N TYR A 142 -27.00 20.69 -20.64
CA TYR A 142 -27.27 20.14 -19.31
C TYR A 142 -26.50 18.81 -19.09
N ASP A 143 -26.53 17.97 -20.11
CA ASP A 143 -25.90 16.67 -20.04
C ASP A 143 -24.48 16.79 -20.56
N SER A 144 -23.61 17.34 -19.72
CA SER A 144 -22.21 17.52 -20.09
C SER A 144 -21.41 17.43 -18.82
N LEU A 145 -20.17 16.95 -18.95
CA LEU A 145 -19.25 16.80 -17.83
C LEU A 145 -19.09 18.10 -17.04
N ILE A 146 -18.88 19.21 -17.76
CA ILE A 146 -18.70 20.52 -17.10
C ILE A 146 -19.91 20.94 -16.23
N VAL A 147 -21.12 20.67 -16.70
CA VAL A 147 -22.32 21.01 -15.92
C VAL A 147 -22.39 20.15 -14.66
N LYS A 148 -22.16 18.83 -14.81
CA LYS A 148 -22.22 17.89 -13.67
C LYS A 148 -21.14 18.18 -12.63
N ASN A 149 -19.98 18.63 -13.10
CA ASN A 149 -18.89 19.08 -12.25
C ASN A 149 -19.24 20.37 -11.51
N SER A 150 -19.94 21.29 -12.18
CA SER A 150 -20.35 22.53 -11.48
C SER A 150 -21.33 22.20 -10.35
N MET A 151 -22.21 21.24 -10.60
CA MET A 151 -23.13 20.78 -9.57
C MET A 151 -22.37 20.26 -8.37
N GLN A 152 -21.36 19.43 -8.63
CA GLN A 152 -20.58 18.80 -7.58
C GLN A 152 -19.72 19.79 -6.80
N VAL A 153 -19.15 20.78 -7.51
CA VAL A 153 -18.46 21.92 -6.89
C VAL A 153 -19.34 22.61 -5.84
N VAL A 154 -20.57 22.94 -6.23
CA VAL A 154 -21.52 23.59 -5.32
C VAL A 154 -21.89 22.66 -4.17
N MET A 155 -22.28 21.43 -4.48
CA MET A 155 -22.62 20.43 -3.48
C MET A 155 -21.55 20.34 -2.38
N LEU A 156 -20.29 20.27 -2.80
CA LEU A 156 -19.19 19.99 -1.89
C LEU A 156 -18.89 21.17 -0.97
N ILE A 157 -18.93 22.38 -1.54
CA ILE A 157 -18.82 23.60 -0.76
C ILE A 157 -19.98 23.70 0.24
N GLU A 158 -21.18 23.34 -0.20
CA GLU A 158 -22.29 23.54 0.67
C GLU A 158 -22.32 22.53 1.84
N PHE A 159 -21.76 21.34 1.60
CA PHE A 159 -21.53 20.30 2.59
C PHE A 159 -20.62 20.78 3.73
N GLU A 160 -19.55 21.50 3.39
CA GLU A 160 -18.63 22.02 4.41
C GLU A 160 -19.28 23.11 5.24
N VAL A 161 -20.02 23.99 4.57
CA VAL A 161 -20.80 25.01 5.25
C VAL A 161 -21.83 24.41 6.20
N LEU A 162 -22.56 23.39 5.76
CA LEU A 162 -23.54 22.71 6.60
C LEU A 162 -22.95 22.12 7.87
N LYS A 163 -21.75 21.57 7.77
CA LYS A 163 -21.08 20.94 8.90
C LYS A 163 -20.70 22.01 9.91
N ALA A 164 -20.05 23.07 9.41
CA ALA A 164 -19.54 24.18 10.22
C ALA A 164 -20.69 24.95 10.90
N LYS A 165 -21.76 25.22 10.14
CA LYS A 165 -22.95 25.83 10.68
C LYS A 165 -23.49 25.05 11.89
N ASN A 166 -23.41 23.72 11.83
CA ASN A 166 -23.98 22.85 12.85
C ASN A 166 -23.01 22.38 13.93
N LEU A 167 -21.92 23.12 14.12
CA LEU A 167 -20.96 22.85 15.20
C LEU A 167 -21.60 22.45 16.54
N LYS A 168 -22.55 23.25 17.03
CA LYS A 168 -23.12 23.08 18.39
C LYS A 168 -23.98 21.83 18.59
N ARG A 169 -24.29 21.12 17.50
CA ARG A 169 -24.95 19.82 17.61
C ARG A 169 -24.22 18.74 16.81
N ASN A 170 -22.96 18.98 16.46
CA ASN A 170 -22.16 18.03 15.66
C ASN A 170 -21.33 17.14 16.58
N TYR A 171 -22.05 16.39 17.41
CA TYR A 171 -21.50 15.58 18.45
C TYR A 171 -20.68 14.41 17.93
N LEU A 172 -19.70 13.99 18.72
CA LEU A 172 -18.92 12.79 18.45
C LEU A 172 -19.83 11.57 18.39
N ILE A 173 -19.49 10.65 17.49
CA ILE A 173 -20.24 9.42 17.37
C ILE A 173 -19.60 8.39 18.30
N ASN A 174 -20.01 8.41 19.56
CA ASN A 174 -19.66 7.34 20.47
C ASN A 174 -20.66 6.20 20.30
N SER A 175 -20.55 5.18 21.14
CA SER A 175 -21.33 3.95 21.01
C SER A 175 -22.84 4.18 20.89
N GLU A 176 -23.40 5.03 21.75
CA GLU A 176 -24.86 5.23 21.79
C GLU A 176 -25.41 6.12 20.69
N VAL A 177 -24.68 7.19 20.35
CA VAL A 177 -25.01 7.98 19.17
C VAL A 177 -25.02 7.14 17.91
N LYS A 178 -24.05 6.23 17.81
CA LYS A 178 -23.92 5.33 16.66
C LYS A 178 -25.14 4.43 16.50
N ALA A 179 -25.58 3.87 17.63
CA ALA A 179 -26.78 3.06 17.73
C ALA A 179 -28.03 3.83 17.29
N LYS A 180 -28.17 5.09 17.75
CA LYS A 180 -29.27 5.97 17.30
C LYS A 180 -29.25 6.28 15.83
N LEU A 181 -28.06 6.53 15.27
CA LEU A 181 -27.88 6.83 13.84
C LEU A 181 -28.18 5.60 12.98
N LEU A 182 -27.83 4.41 13.48
CA LEU A 182 -28.17 3.14 12.82
C LEU A 182 -29.68 2.99 12.76
N HIS A 183 -30.32 3.32 13.87
CA HIS A 183 -31.77 3.21 13.98
C HIS A 183 -32.47 4.03 12.89
N TYR A 184 -32.08 5.29 12.73
CA TYR A 184 -32.70 6.15 11.73
C TYR A 184 -32.31 5.84 10.29
N LEU A 185 -31.06 5.39 10.09
CA LEU A 185 -30.62 4.76 8.82
C LEU A 185 -31.52 3.58 8.40
N ASN A 186 -31.71 2.61 9.30
CA ASN A 186 -32.62 1.50 9.07
C ASN A 186 -34.04 1.94 8.77
N LYS A 187 -34.52 2.93 9.51
CA LYS A 187 -35.85 3.47 9.34
C LYS A 187 -36.03 4.07 7.93
N LEU A 188 -35.08 4.90 7.51
CA LEU A 188 -35.07 5.41 6.14
C LEU A 188 -35.03 4.28 5.09
N VAL A 189 -34.15 3.29 5.31
CA VAL A 189 -34.02 2.14 4.39
C VAL A 189 -35.36 1.41 4.21
N ASP A 190 -36.09 1.24 5.31
CA ASP A 190 -37.36 0.52 5.31
C ASP A 190 -38.56 1.35 4.89
N ALA A 191 -38.38 2.65 4.69
CA ALA A 191 -39.51 3.55 4.40
C ALA A 191 -40.18 3.26 3.06
N THR A 192 -41.49 3.32 3.07
CA THR A 192 -42.33 3.07 1.92
C THR A 192 -43.03 4.40 1.66
N GLU A 193 -43.76 4.49 0.55
CA GLU A 193 -44.44 5.73 0.17
C GLU A 193 -45.49 6.12 1.21
N LYS A 194 -46.11 5.12 1.84
CA LYS A 194 -47.12 5.36 2.87
C LYS A 194 -46.50 5.94 4.15
N LYS A 195 -45.45 5.31 4.66
CA LYS A 195 -44.72 5.80 5.83
C LYS A 195 -44.25 7.26 5.68
N ILE A 196 -43.64 7.57 4.55
CA ILE A 196 -43.10 8.90 4.27
C ILE A 196 -44.19 9.96 4.22
N ASN A 197 -45.25 9.71 3.46
CA ASN A 197 -46.36 10.67 3.38
C ASN A 197 -47.01 10.93 4.75
N GLN A 198 -47.30 9.85 5.47
CA GLN A 198 -47.72 9.91 6.86
C GLN A 198 -46.85 10.92 7.61
N ALA A 199 -45.54 10.65 7.67
CA ALA A 199 -44.62 11.51 8.40
C ALA A 199 -44.65 12.95 7.90
N LEU A 200 -44.56 13.11 6.58
CA LEU A 200 -44.36 14.42 5.95
C LEU A 200 -45.62 15.27 5.79
N LEU A 201 -46.78 14.65 5.57
CA LEU A 201 -48.03 15.40 5.43
C LEU A 201 -49.01 15.14 6.56
N GLY A 202 -48.81 14.05 7.29
CA GLY A 202 -49.62 13.71 8.46
C GLY A 202 -51.08 13.46 8.10
N ALA A 203 -51.96 14.23 8.72
CA ALA A 203 -53.41 14.16 8.48
C ALA A 203 -53.80 14.56 7.05
N SER A 204 -52.83 15.02 6.27
CA SER A 204 -53.06 15.41 4.87
C SER A 204 -52.56 14.35 3.87
N SER A 205 -51.99 13.26 4.38
CA SER A 205 -51.50 12.16 3.54
C SER A 205 -52.65 11.50 2.76
N PRO A 206 -52.47 11.36 1.43
CA PRO A 206 -53.48 10.64 0.63
C PRO A 206 -53.57 9.18 1.07
N LYS A 207 -54.75 8.59 0.96
CA LYS A 207 -54.93 7.18 1.31
C LYS A 207 -54.61 6.26 0.12
N ASN A 208 -54.61 4.96 0.37
CA ASN A 208 -54.32 3.93 -0.64
C ASN A 208 -52.89 3.98 -1.19
N LEU A 209 -51.98 4.61 -0.44
CA LEU A 209 -50.58 4.73 -0.86
C LEU A 209 -49.80 3.45 -0.56
N ASP A 210 -48.82 3.15 -1.41
CA ASP A 210 -48.08 1.89 -1.39
C ASP A 210 -47.35 1.70 -0.06
N ASP A 211 -47.53 0.56 0.56
CA ASP A 211 -46.85 0.25 1.83
C ASP A 211 -45.96 -1.01 1.79
N LYS A 212 -45.60 -1.46 0.59
CA LYS A 212 -44.69 -2.61 0.46
C LYS A 212 -43.32 -2.30 -0.17
N VAL A 213 -43.29 -1.41 -1.17
CA VAL A 213 -42.04 -1.10 -1.87
C VAL A 213 -41.19 -0.08 -1.10
N LYS A 214 -39.95 -0.46 -0.81
CA LYS A 214 -39.01 0.43 -0.11
C LYS A 214 -38.36 1.36 -1.13
N LEU A 215 -38.47 2.66 -0.90
CA LEU A 215 -37.92 3.62 -1.86
C LEU A 215 -36.40 3.59 -1.98
N SER A 216 -35.74 3.04 -0.95
CA SER A 216 -34.28 3.00 -0.84
C SER A 216 -33.65 1.98 -1.78
N GLU A 217 -34.49 1.16 -2.41
CA GLU A 217 -34.01 0.00 -3.17
C GLU A 217 -32.80 0.36 -4.01
N PRO A 218 -32.96 1.37 -4.87
CA PRO A 218 -31.96 1.66 -5.90
C PRO A 218 -30.79 2.47 -5.36
N PHE A 219 -30.81 2.73 -4.05
CA PHE A 219 -29.75 3.51 -3.42
C PHE A 219 -28.92 2.65 -2.48
N MET A 220 -29.26 1.37 -2.40
CA MET A 220 -28.56 0.43 -1.52
C MET A 220 -27.12 0.10 -1.99
N GLU A 221 -26.95 -0.16 -3.28
CA GLU A 221 -25.67 -0.63 -3.82
C GLU A 221 -25.18 0.27 -4.94
N LEU A 222 -23.88 0.23 -5.21
CA LEU A 222 -23.35 0.98 -6.34
C LEU A 222 -23.63 0.22 -7.64
N VAL A 223 -24.05 0.96 -8.67
CA VAL A 223 -24.26 0.38 -9.99
C VAL A 223 -22.95 -0.22 -10.50
N ASP A 224 -23.04 -1.35 -11.17
CA ASP A 224 -21.87 -2.04 -11.72
C ASP A 224 -21.10 -1.16 -12.72
N LYS A 225 -19.78 -1.10 -12.56
CA LYS A 225 -18.91 -0.30 -13.43
C LYS A 225 -18.98 -0.77 -14.89
N ASP A 226 -19.23 -2.07 -15.09
CA ASP A 226 -19.29 -2.63 -16.44
C ASP A 226 -20.61 -2.37 -17.18
N GLU A 227 -21.73 -2.38 -16.45
CA GLU A 227 -23.00 -2.12 -17.11
C GLU A 227 -23.27 -0.62 -17.33
N LEU A 228 -22.72 0.23 -16.46
CA LEU A 228 -22.89 1.69 -16.60
C LEU A 228 -21.59 2.49 -16.34
N PRO A 229 -20.59 2.39 -17.25
CA PRO A 229 -19.28 3.04 -17.05
C PRO A 229 -19.31 4.58 -17.00
N GLU A 230 -20.30 5.19 -17.65
CA GLU A 230 -20.43 6.64 -17.65
C GLU A 230 -20.82 7.21 -16.28
N TYR A 231 -21.46 6.40 -15.46
CA TYR A 231 -21.81 6.80 -14.08
C TYR A 231 -20.57 7.30 -13.36
N TYR A 232 -19.49 6.52 -13.48
CA TYR A 232 -18.23 6.78 -12.81
C TYR A 232 -17.40 7.87 -13.47
N GLU A 233 -17.73 8.22 -14.70
CA GLU A 233 -17.17 9.40 -15.36
C GLU A 233 -17.81 10.70 -14.82
N ILE A 234 -19.09 10.62 -14.46
CA ILE A 234 -19.87 11.77 -14.04
C ILE A 234 -19.80 11.96 -12.53
N VAL A 235 -20.10 10.90 -11.78
CA VAL A 235 -20.21 10.93 -10.33
C VAL A 235 -18.85 10.69 -9.67
N HIS A 236 -18.26 11.77 -9.17
CA HIS A 236 -16.89 11.68 -8.65
C HIS A 236 -16.73 11.11 -7.25
N SER A 237 -17.78 11.17 -6.42
CA SER A 237 -17.77 10.56 -5.07
C SER A 237 -18.93 9.59 -4.86
N PRO A 238 -18.86 8.41 -5.52
CA PRO A 238 -19.96 7.47 -5.45
C PRO A 238 -20.22 7.03 -4.00
N MET A 239 -21.49 6.82 -3.68
CA MET A 239 -21.91 6.51 -2.32
C MET A 239 -23.27 5.81 -2.32
N ALA A 240 -23.37 4.71 -1.57
CA ALA A 240 -24.57 3.90 -1.52
C ALA A 240 -24.96 3.67 -0.05
N LEU A 241 -26.22 3.34 0.21
CA LEU A 241 -26.63 3.22 1.61
C LEU A 241 -25.94 2.07 2.35
N SER A 242 -25.65 0.96 1.66
CA SER A 242 -24.93 -0.14 2.33
C SER A 242 -23.52 0.26 2.72
N ILE A 243 -22.93 1.19 1.96
CA ILE A 243 -21.58 1.68 2.25
C ILE A 243 -21.53 2.65 3.42
N VAL A 244 -22.53 3.52 3.50
CA VAL A 244 -22.77 4.38 4.65
C VAL A 244 -22.90 3.52 5.91
N LYS A 245 -23.65 2.43 5.82
CA LYS A 245 -23.86 1.54 6.95
C LYS A 245 -22.56 0.86 7.39
N GLN A 246 -21.76 0.40 6.42
CA GLN A 246 -20.46 -0.21 6.70
C GLN A 246 -19.53 0.82 7.35
N ASN A 247 -19.48 2.03 6.75
CA ASN A 247 -18.67 3.13 7.27
C ASN A 247 -19.01 3.51 8.72
N LEU A 248 -20.30 3.57 9.04
CA LEU A 248 -20.78 3.88 10.41
C LEU A 248 -20.29 2.86 11.40
N GLU A 249 -20.43 1.58 11.05
CA GLU A 249 -19.93 0.48 11.86
C GLU A 249 -18.43 0.57 12.16
N ILE A 250 -17.63 0.73 11.12
CA ILE A 250 -16.18 0.62 11.26
C ILE A 250 -15.54 1.86 11.89
N GLY A 251 -16.28 2.96 11.99
CA GLY A 251 -15.74 4.20 12.55
C GLY A 251 -15.16 5.23 11.58
N GLN A 252 -15.57 5.19 10.31
CA GLN A 252 -15.20 6.23 9.33
C GLN A 252 -15.75 7.62 9.69
N TYR A 253 -16.87 7.64 10.40
CA TYR A 253 -17.53 8.89 10.75
C TYR A 253 -17.24 9.17 12.23
N SER A 254 -16.54 10.25 12.51
CA SER A 254 -16.28 10.56 13.91
C SER A 254 -17.27 11.53 14.52
N LYS A 255 -17.92 12.33 13.66
CA LYS A 255 -18.98 13.25 14.08
C LYS A 255 -20.28 13.02 13.31
N ILE A 256 -21.40 13.41 13.92
CA ILE A 256 -22.72 13.18 13.36
C ILE A 256 -22.81 13.67 11.92
N TYR A 257 -22.27 14.87 11.65
CA TYR A 257 -22.35 15.44 10.30
C TYR A 257 -21.48 14.77 9.22
N ASP A 258 -20.44 14.04 9.61
CA ASP A 258 -19.74 13.16 8.65
C ASP A 258 -20.68 12.10 8.06
N PHE A 259 -21.51 11.51 8.91
CA PHE A 259 -22.53 10.54 8.50
C PHE A 259 -23.63 11.20 7.70
N ILE A 260 -24.12 12.35 8.19
CA ILE A 260 -25.17 13.09 7.51
C ILE A 260 -24.77 13.49 6.08
N ILE A 261 -23.54 13.98 5.90
CA ILE A 261 -23.08 14.41 4.59
C ILE A 261 -23.09 13.22 3.60
N ASP A 262 -22.56 12.07 4.02
CA ASP A 262 -22.54 10.87 3.18
C ASP A 262 -23.94 10.40 2.81
N MET A 263 -24.87 10.50 3.76
CA MET A 263 -26.28 10.23 3.47
C MET A 263 -26.79 11.19 2.41
N LEU A 264 -26.50 12.48 2.57
CA LEU A 264 -26.96 13.47 1.61
C LEU A 264 -26.30 13.25 0.25
N LEU A 265 -25.06 12.77 0.29
CA LEU A 265 -24.28 12.44 -0.92
C LEU A 265 -24.94 11.35 -1.79
N VAL A 266 -25.50 10.33 -1.14
CA VAL A 266 -26.22 9.26 -1.85
C VAL A 266 -27.31 9.84 -2.75
N PHE A 267 -28.20 10.63 -2.16
CA PHE A 267 -29.34 11.18 -2.89
C PHE A 267 -28.95 12.30 -3.87
N GLN A 268 -27.99 13.12 -3.47
CA GLN A 268 -27.50 14.18 -4.35
C GLN A 268 -26.82 13.70 -5.65
N ASN A 269 -26.02 12.63 -5.56
CA ASN A 269 -25.45 11.95 -6.73
C ASN A 269 -26.50 11.45 -7.72
N ALA A 270 -27.67 11.05 -7.23
CA ALA A 270 -28.79 10.67 -8.10
C ALA A 270 -29.35 11.90 -8.80
N HIS A 271 -29.27 13.05 -8.14
CA HIS A 271 -29.68 14.28 -8.80
C HIS A 271 -28.64 14.75 -9.83
N ILE A 272 -27.38 14.40 -9.61
CA ILE A 272 -26.31 14.78 -10.51
C ILE A 272 -26.38 13.92 -11.78
N PHE A 273 -26.52 12.61 -11.58
CA PHE A 273 -26.51 11.66 -12.68
C PHE A 273 -27.80 11.59 -13.49
N ASN A 274 -28.94 11.56 -12.82
CA ASN A 274 -30.21 11.25 -13.49
C ASN A 274 -30.93 12.48 -14.04
N ASP A 275 -31.74 12.28 -15.07
CA ASP A 275 -32.59 13.34 -15.58
C ASP A 275 -33.62 13.71 -14.52
N PRO A 276 -33.90 15.01 -14.37
CA PRO A 276 -34.92 15.47 -13.41
C PRO A 276 -36.28 14.80 -13.52
N SER A 277 -36.65 14.30 -14.70
CA SER A 277 -37.92 13.58 -14.84
C SER A 277 -37.86 12.10 -14.44
N ALA A 278 -36.66 11.56 -14.24
CA ALA A 278 -36.53 10.15 -13.88
C ALA A 278 -37.18 9.86 -12.51
N LEU A 279 -37.84 8.71 -12.39
CA LEU A 279 -38.50 8.33 -11.14
C LEU A 279 -37.49 8.16 -10.02
N ILE A 280 -36.26 7.75 -10.35
CA ILE A 280 -35.20 7.62 -9.33
C ILE A 280 -34.74 9.00 -8.77
N TYR A 281 -34.75 9.99 -9.64
CA TYR A 281 -34.47 11.37 -9.28
C TYR A 281 -35.53 11.86 -8.29
N LYS A 282 -36.80 11.55 -8.58
CA LYS A 282 -37.93 11.84 -7.71
C LYS A 282 -37.81 11.15 -6.34
N ASP A 283 -37.43 9.88 -6.35
CA ASP A 283 -37.25 9.11 -5.11
C ASP A 283 -36.10 9.65 -4.24
N ALA A 284 -35.04 10.12 -4.89
CA ALA A 284 -33.94 10.79 -4.23
C ALA A 284 -34.40 12.06 -3.50
N THR A 285 -35.30 12.82 -4.12
CA THR A 285 -35.90 14.02 -3.48
C THR A 285 -36.73 13.66 -2.26
N THR A 286 -37.61 12.67 -2.44
CA THR A 286 -38.48 12.17 -1.39
C THR A 286 -37.69 11.66 -0.19
N LEU A 287 -36.60 10.91 -0.45
CA LEU A 287 -35.78 10.31 0.60
C LEU A 287 -34.89 11.32 1.34
N THR A 288 -34.42 12.32 0.60
CA THR A 288 -33.77 13.51 1.15
C THR A 288 -34.68 14.25 2.14
N ASN A 289 -35.94 14.47 1.76
CA ASN A 289 -36.93 15.13 2.59
C ASN A 289 -37.27 14.31 3.82
N TYR A 290 -37.39 13.00 3.64
CA TYR A 290 -37.66 12.11 4.77
C TYR A 290 -36.49 12.06 5.72
N PHE A 291 -35.28 12.03 5.17
CA PHE A 291 -34.07 11.99 5.98
C PHE A 291 -33.92 13.25 6.84
N ASN A 292 -34.10 14.43 6.24
CA ASN A 292 -34.12 15.71 6.95
C ASN A 292 -35.20 15.69 8.04
N TYR A 293 -36.38 15.21 7.68
CA TYR A 293 -37.43 15.06 8.66
C TYR A 293 -36.96 14.21 9.88
N LEU A 294 -36.31 13.07 9.62
CA LEU A 294 -35.89 12.16 10.69
C LEU A 294 -34.84 12.80 11.59
N ILE A 295 -33.86 13.46 10.98
CA ILE A 295 -32.80 14.13 11.72
C ILE A 295 -33.32 15.30 12.56
N GLN A 296 -34.12 16.16 11.93
CA GLN A 296 -34.63 17.35 12.60
C GLN A 296 -35.74 17.06 13.60
N LYS A 297 -36.61 16.13 13.27
CA LYS A 297 -37.88 15.97 14.00
C LYS A 297 -37.90 14.77 14.94
N GLU A 298 -37.00 13.84 14.73
CA GLU A 298 -36.96 12.63 15.56
C GLU A 298 -35.61 12.47 16.25
N PHE A 299 -34.54 12.44 15.46
CA PHE A 299 -33.20 12.16 16.00
C PHE A 299 -32.69 13.23 16.98
N PHE A 300 -32.57 14.49 16.57
CA PHE A 300 -32.04 15.52 17.46
C PHE A 300 -32.89 15.79 18.72
N PRO A 301 -34.23 15.87 18.57
CA PRO A 301 -35.02 16.00 19.79
C PRO A 301 -34.87 14.79 20.71
N GLU A 302 -34.77 13.59 20.14
CA GLU A 302 -34.48 12.42 20.97
C GLU A 302 -33.15 12.52 21.70
N LEU A 303 -32.09 12.98 21.03
CA LEU A 303 -30.78 13.10 21.69
C LEU A 303 -30.88 14.05 22.89
N GLN A 304 -31.58 15.17 22.66
CA GLN A 304 -31.87 16.15 23.70
C GLN A 304 -32.66 15.57 24.88
N ASP A 305 -33.72 14.82 24.58
CA ASP A 305 -34.54 14.12 25.60
C ASP A 305 -33.70 13.16 26.43
N LEU A 306 -32.86 12.36 25.77
CA LEU A 306 -31.98 11.43 26.47
C LEU A 306 -30.94 12.15 27.33
N ASN A 307 -30.34 13.18 26.76
CA ASN A 307 -29.38 14.03 27.44
C ASN A 307 -29.92 14.67 28.73
N GLU A 308 -31.15 15.20 28.66
CA GLU A 308 -31.81 15.84 29.77
C GLU A 308 -32.05 14.87 30.93
N ARG A 309 -32.23 13.58 30.61
CA ARG A 309 -32.33 12.61 31.70
C ARG A 309 -31.06 11.76 31.96
N GLY A 310 -29.92 12.31 31.55
CA GLY A 310 -28.61 11.76 31.89
C GLY A 310 -28.27 10.45 31.21
N GLU A 311 -28.93 10.15 30.09
CA GLU A 311 -28.88 8.82 29.47
C GLU A 311 -27.95 8.71 28.27
N ILE A 312 -27.37 9.82 27.83
CA ILE A 312 -26.47 9.83 26.67
C ILE A 312 -25.35 10.83 26.90
N ASN A 313 -24.19 10.54 26.33
CA ASN A 313 -23.04 11.42 26.43
C ASN A 313 -22.91 12.15 25.10
N LEU A 314 -23.28 13.43 25.10
CA LEU A 314 -23.24 14.31 23.94
C LEU A 314 -22.08 15.30 24.08
N GLU A 315 -21.15 15.24 23.13
CA GLU A 315 -19.85 15.91 23.28
C GLU A 315 -19.34 16.43 21.95
N PHE A 316 -18.35 17.30 22.00
CA PHE A 316 -17.83 17.95 20.80
C PHE A 316 -16.34 17.62 20.60
N ASP A 317 -15.77 18.15 19.52
CA ASP A 317 -14.49 18.83 19.58
C ASP A 317 -14.44 20.00 18.61
N PRO B 29 -15.34 -4.10 -1.15
CA PRO B 29 -14.49 -4.65 -0.09
C PRO B 29 -15.30 -4.98 1.16
N GLY B 30 -16.61 -5.13 1.01
CA GLY B 30 -17.50 -5.22 2.14
C GLY B 30 -18.00 -6.64 2.38
OH ALY B 31 -16.26 -10.58 8.39
CH ALY B 31 -17.45 -10.71 8.17
CH3 ALY B 31 -18.02 -12.03 7.73
NZ ALY B 31 -18.31 -9.72 8.29
CE ALY B 31 -19.72 -9.90 8.02
CD ALY B 31 -20.31 -8.74 7.23
CG ALY B 31 -19.51 -8.49 5.96
CB ALY B 31 -20.42 -8.05 4.81
CA ALY B 31 -19.68 -8.07 3.48
N ALY B 31 -18.96 -6.77 3.29
C ALY B 31 -20.64 -8.34 2.37
O ALY B 31 -21.14 -7.42 1.73
N HIS B 32 -20.90 -9.62 2.12
CA HIS B 32 -21.85 -10.02 1.09
C HIS B 32 -22.52 -11.35 1.45
N PRO B 33 -23.52 -11.28 2.32
CA PRO B 33 -24.13 -12.50 2.90
C PRO B 33 -24.80 -13.47 1.91
N LYS B 34 -25.06 -14.69 2.40
CA LYS B 34 -25.68 -15.74 1.59
C LYS B 34 -27.15 -15.95 1.94
N ASN B 35 -27.98 -15.97 0.91
CA ASN B 35 -29.41 -16.27 1.06
C ASN B 35 -29.67 -17.78 1.15
N GLN B 36 -29.41 -18.35 2.34
CA GLN B 36 -29.62 -19.78 2.60
C GLN B 36 -30.22 -20.06 3.97
N THR B 39 -27.41 -22.03 5.92
CA THR B 39 -26.05 -21.53 5.69
C THR B 39 -24.98 -22.48 6.26
N PRO B 40 -23.93 -22.79 5.47
CA PRO B 40 -22.86 -23.74 5.75
C PRO B 40 -22.51 -23.97 7.22
N HIS B 41 -22.37 -25.22 7.62
CA HIS B 41 -21.80 -25.56 8.91
C HIS B 41 -20.31 -25.29 8.93
N VAL B 42 -19.79 -25.15 10.10
CA VAL B 42 -18.36 -24.91 10.27
C VAL B 42 -17.73 -25.98 11.17
N ASP B 43 -16.86 -26.73 10.61
CA ASP B 43 -16.19 -27.77 11.36
C ASP B 43 -14.99 -27.15 12.01
N TYR B 44 -15.08 -26.90 13.29
CA TYR B 44 -14.04 -26.19 14.05
C TYR B 44 -12.74 -26.99 14.16
N ASN B 45 -12.87 -28.30 14.35
CA ASN B 45 -11.74 -29.22 14.58
C ASN B 45 -11.03 -29.69 13.32
N ALA B 46 -11.69 -29.55 12.17
CA ALA B 46 -11.10 -29.97 10.91
C ALA B 46 -10.13 -28.90 10.40
N PRO B 47 -8.81 -29.17 10.43
CA PRO B 47 -7.86 -28.19 9.91
C PRO B 47 -8.10 -27.98 8.41
N LEU B 48 -7.91 -26.75 7.93
CA LEU B 48 -8.00 -26.49 6.49
C LEU B 48 -7.09 -27.43 5.68
N ASN B 49 -5.87 -27.67 6.17
CA ASN B 49 -4.97 -28.68 5.62
C ASN B 49 -4.46 -29.60 6.74
N PRO B 50 -5.11 -30.75 6.93
CA PRO B 50 -4.74 -31.73 7.96
C PRO B 50 -3.35 -32.37 7.75
N LYS B 51 -2.80 -32.25 6.55
CA LYS B 51 -1.44 -32.74 6.24
C LYS B 51 -0.33 -31.75 6.64
N SER B 52 -0.74 -30.63 7.22
CA SER B 52 0.18 -29.59 7.67
C SER B 52 1.02 -30.07 8.84
N GLU B 53 2.33 -29.80 8.78
CA GLU B 53 3.23 -30.01 9.91
C GLU B 53 2.83 -29.19 11.16
N LEU B 54 2.09 -28.10 10.95
CA LEU B 54 1.60 -27.27 12.04
C LEU B 54 0.64 -28.07 12.91
N PHE B 55 -0.08 -28.98 12.27
CA PHE B 55 -1.01 -29.88 12.96
C PHE B 55 -0.47 -31.28 13.21
N LEU B 56 0.50 -31.73 12.40
CA LEU B 56 1.07 -33.07 12.60
C LEU B 56 2.15 -33.09 13.68
N ASP B 57 3.08 -32.15 13.61
CA ASP B 57 4.18 -32.08 14.58
C ASP B 57 3.71 -31.52 15.89
N ASP B 58 4.37 -31.95 16.95
CA ASP B 58 4.15 -31.41 18.29
C ASP B 58 5.18 -30.30 18.51
N TRP B 59 4.76 -29.05 18.37
CA TRP B 59 5.69 -27.91 18.45
C TRP B 59 5.21 -26.89 19.49
N HIS B 60 6.16 -26.09 19.98
CA HIS B 60 5.89 -24.97 20.89
C HIS B 60 6.83 -23.79 20.64
N ILE B 61 6.29 -22.57 20.74
CA ILE B 61 7.08 -21.35 20.63
C ILE B 61 7.17 -20.71 22.01
N PRO B 62 8.40 -20.47 22.52
CA PRO B 62 8.56 -19.78 23.81
C PRO B 62 7.91 -18.39 23.83
N LYS B 63 7.36 -18.02 24.99
CA LYS B 63 6.55 -16.80 25.16
C LYS B 63 5.58 -16.65 23.99
N PHE B 64 4.75 -17.67 23.81
CA PHE B 64 3.79 -17.77 22.72
C PHE B 64 2.83 -16.59 22.64
N ASN B 65 2.34 -16.11 23.79
CA ASN B 65 1.43 -14.93 23.80
C ASN B 65 2.03 -13.62 23.24
N ARG B 66 3.28 -13.32 23.61
CA ARG B 66 4.05 -12.18 23.07
C ARG B 66 4.24 -12.34 21.56
N PHE B 67 4.64 -13.54 21.17
CA PHE B 67 4.76 -13.90 19.76
C PHE B 67 3.46 -13.63 18.99
N ILE B 68 2.34 -14.04 19.57
CA ILE B 68 1.05 -13.90 18.90
C ILE B 68 0.71 -12.42 18.72
N SER B 69 0.90 -11.62 19.76
CA SER B 69 0.54 -10.21 19.69
C SER B 69 1.43 -9.39 18.78
N PHE B 70 2.72 -9.68 18.83
CA PHE B 70 3.69 -8.96 18.03
C PHE B 70 3.44 -9.27 16.56
N THR B 71 3.25 -10.56 16.28
CA THR B 71 3.08 -11.07 14.93
C THR B 71 1.81 -10.55 14.27
N LEU B 72 0.69 -10.66 14.98
CA LEU B 72 -0.60 -10.12 14.51
C LEU B 72 -0.53 -8.60 14.29
N ASP B 73 0.10 -7.89 15.23
CA ASP B 73 0.30 -6.45 15.11
C ASP B 73 1.10 -6.02 13.87
N VAL B 74 2.24 -6.70 13.61
CA VAL B 74 3.06 -6.48 12.42
C VAL B 74 2.25 -6.69 11.12
N LEU B 75 1.51 -7.81 11.06
CA LEU B 75 0.70 -8.17 9.89
C LEU B 75 -0.47 -7.22 9.63
N ILE B 76 -1.19 -6.82 10.68
CA ILE B 76 -2.21 -5.77 10.57
C ILE B 76 -1.60 -4.48 10.02
N ASP B 77 -0.37 -4.19 10.44
CA ASP B 77 0.37 -3.05 9.92
C ASP B 77 0.79 -3.15 8.46
N LYS B 78 1.38 -4.26 8.06
CA LYS B 78 1.87 -4.44 6.67
C LYS B 78 0.73 -4.56 5.67
N TYR B 79 -0.40 -5.10 6.13
CA TYR B 79 -1.52 -5.48 5.27
C TYR B 79 -2.86 -4.97 5.81
N LYS B 80 -2.92 -3.67 6.11
CA LYS B 80 -4.12 -3.07 6.68
C LYS B 80 -5.39 -3.45 5.93
N ASP B 81 -5.36 -3.30 4.61
CA ASP B 81 -6.54 -3.54 3.77
C ASP B 81 -7.07 -4.95 3.80
N ILE B 82 -6.17 -5.91 3.85
CA ILE B 82 -6.53 -7.33 3.95
C ILE B 82 -7.11 -7.61 5.33
N PHE B 83 -6.49 -7.05 6.35
CA PHE B 83 -6.78 -7.39 7.74
C PHE B 83 -7.95 -6.64 8.36
N LYS B 84 -8.26 -5.46 7.81
CA LYS B 84 -9.19 -4.52 8.45
C LYS B 84 -10.55 -5.12 8.86
N ASP B 85 -11.14 -5.94 8.00
CA ASP B 85 -12.46 -6.58 8.29
C ASP B 85 -12.44 -7.72 9.33
N PHE B 86 -11.27 -8.03 9.87
CA PHE B 86 -11.13 -9.22 10.72
C PHE B 86 -10.59 -8.88 12.10
N ILE B 87 -10.38 -7.59 12.32
CA ILE B 87 -9.76 -7.13 13.56
C ILE B 87 -10.74 -7.21 14.73
N LYS B 88 -11.94 -6.65 14.53
CA LYS B 88 -13.03 -6.70 15.50
C LYS B 88 -14.14 -7.65 15.05
N LEU B 89 -14.86 -8.23 15.99
CA LEU B 89 -16.05 -8.99 15.66
C LEU B 89 -17.10 -8.16 14.88
N PRO B 90 -17.85 -8.82 13.95
CA PRO B 90 -18.97 -8.06 13.37
C PRO B 90 -19.84 -7.55 14.50
N SER B 91 -20.31 -6.32 14.38
CA SER B 91 -21.10 -5.70 15.42
C SER B 91 -22.51 -6.27 15.40
N ARG B 92 -22.97 -6.72 16.57
CA ARG B 92 -24.31 -7.32 16.68
C ARG B 92 -25.38 -6.38 16.13
N LYS B 93 -25.35 -5.13 16.59
CA LYS B 93 -26.19 -4.09 16.02
C LYS B 93 -26.37 -4.29 14.52
N PHE B 94 -25.26 -4.33 13.79
CA PHE B 94 -25.28 -4.17 12.34
C PHE B 94 -25.53 -5.51 11.65
N HIS B 95 -25.28 -6.60 12.37
CA HIS B 95 -25.37 -7.94 11.79
C HIS B 95 -26.03 -8.92 12.75
N PRO B 96 -27.33 -8.73 13.06
CA PRO B 96 -27.94 -9.64 14.02
C PRO B 96 -28.05 -11.06 13.45
N GLN B 97 -28.34 -11.16 12.16
CA GLN B 97 -28.42 -12.42 11.43
C GLN B 97 -27.16 -13.28 11.57
N TYR B 98 -26.01 -12.61 11.50
CA TYR B 98 -24.69 -13.25 11.62
C TYR B 98 -24.54 -14.08 12.89
N TYR B 99 -25.13 -13.61 13.99
CA TYR B 99 -24.85 -14.16 15.30
C TYR B 99 -25.55 -15.47 15.63
N TYR B 100 -26.68 -15.77 15.01
CA TYR B 100 -27.13 -17.16 15.07
C TYR B 100 -27.05 -17.96 13.77
N LYS B 101 -26.21 -17.53 12.85
CA LYS B 101 -25.81 -18.37 11.72
C LYS B 101 -24.38 -18.88 11.93
N ILE B 102 -23.57 -18.07 12.61
CA ILE B 102 -22.19 -18.39 12.92
C ILE B 102 -22.10 -18.73 14.41
N GLN B 103 -21.68 -19.96 14.69
CA GLN B 103 -21.73 -20.51 16.03
C GLN B 103 -20.58 -20.07 16.92
N GLN B 104 -19.37 -19.95 16.35
CA GLN B 104 -18.24 -19.45 17.09
C GLN B 104 -17.58 -18.27 16.37
N PRO B 105 -18.19 -17.07 16.47
CA PRO B 105 -17.58 -15.91 15.82
C PRO B 105 -16.15 -15.69 16.31
N MET B 106 -15.28 -15.19 15.44
CA MET B 106 -13.87 -14.97 15.78
C MET B 106 -13.30 -13.66 15.18
N SER B 107 -12.39 -13.03 15.92
CA SER B 107 -11.65 -11.89 15.40
C SER B 107 -10.22 -11.95 15.91
N ILE B 108 -9.36 -11.20 15.26
CA ILE B 108 -8.00 -10.98 15.72
C ILE B 108 -7.91 -10.38 17.16
N ASN B 109 -8.74 -9.41 17.50
CA ASN B 109 -8.80 -8.89 18.88
C ASN B 109 -9.12 -9.99 19.88
N GLU B 110 -10.10 -10.82 19.54
CA GLU B 110 -10.51 -11.94 20.36
C GLU B 110 -9.38 -12.94 20.56
N ILE B 111 -8.62 -13.21 19.50
CA ILE B 111 -7.43 -14.07 19.55
C ILE B 111 -6.35 -13.48 20.48
N LYS B 112 -6.03 -12.20 20.31
CA LYS B 112 -5.10 -11.50 21.20
C LYS B 112 -5.54 -11.50 22.69
N SER B 113 -6.85 -11.53 22.93
CA SER B 113 -7.38 -11.56 24.29
C SER B 113 -7.37 -12.98 24.87
N ARG B 114 -6.95 -13.98 24.09
CA ARG B 114 -6.89 -15.34 24.61
C ARG B 114 -5.48 -15.76 24.97
N ASP B 115 -5.38 -16.56 26.03
CA ASP B 115 -4.13 -17.06 26.56
C ASP B 115 -3.80 -18.44 25.96
N TYR B 116 -2.73 -18.50 25.19
CA TYR B 116 -2.31 -19.75 24.55
C TYR B 116 -1.07 -20.45 25.12
N GLU B 117 -0.53 -19.97 26.25
CA GLU B 117 0.57 -20.69 26.93
C GLU B 117 0.12 -21.93 27.68
N TYR B 118 -0.31 -22.95 26.96
CA TYR B 118 -0.60 -24.24 27.59
C TYR B 118 -0.34 -25.31 26.53
N GLU B 119 -0.22 -26.57 26.94
CA GLU B 119 0.14 -27.67 26.02
C GLU B 119 -0.63 -27.64 24.69
N ASP B 120 -1.95 -27.47 24.77
CA ASP B 120 -2.80 -27.43 23.59
C ASP B 120 -2.98 -26.06 22.96
N GLY B 121 -2.31 -25.05 23.51
CA GLY B 121 -2.28 -23.71 22.95
C GLY B 121 -2.01 -23.61 21.44
N PRO B 122 -0.91 -24.24 20.94
CA PRO B 122 -0.63 -24.14 19.49
C PRO B 122 -1.77 -24.59 18.56
N SER B 123 -2.30 -25.80 18.76
CA SER B 123 -3.47 -26.30 18.01
C SER B 123 -4.71 -25.39 18.13
N ASN B 124 -5.01 -24.94 19.34
CA ASN B 124 -6.20 -24.11 19.53
C ASN B 124 -5.99 -22.71 18.96
N PHE B 125 -4.75 -22.23 18.99
CA PHE B 125 -4.44 -20.95 18.37
C PHE B 125 -4.72 -21.05 16.87
N LEU B 126 -4.18 -22.08 16.22
CA LEU B 126 -4.34 -22.26 14.78
C LEU B 126 -5.78 -22.52 14.39
N LEU B 127 -6.50 -23.28 15.22
CA LEU B 127 -7.91 -23.55 14.95
C LEU B 127 -8.79 -22.29 15.03
N ASP B 128 -8.50 -21.41 15.99
CA ASP B 128 -9.13 -20.10 16.14
C ASP B 128 -8.80 -19.16 14.96
N VAL B 129 -7.55 -19.16 14.52
CA VAL B 129 -7.12 -18.43 13.32
C VAL B 129 -7.88 -18.88 12.07
N GLU B 130 -7.91 -20.19 11.84
CA GLU B 130 -8.57 -20.74 10.66
C GLU B 130 -10.06 -20.46 10.69
N LEU B 131 -10.59 -20.21 11.89
CA LEU B 131 -11.97 -19.76 12.04
C LEU B 131 -12.24 -18.48 11.27
N LEU B 132 -11.20 -17.65 11.13
CA LEU B 132 -11.35 -16.35 10.50
C LEU B 132 -11.81 -16.49 9.06
N THR B 133 -11.32 -17.52 8.38
CA THR B 133 -11.73 -17.79 7.01
C THR B 133 -12.96 -18.69 6.92
N LYS B 134 -13.03 -19.69 7.79
CA LYS B 134 -14.16 -20.60 7.82
C LYS B 134 -15.49 -19.88 8.00
N ASN B 135 -15.56 -19.00 9.00
CA ASN B 135 -16.79 -18.21 9.25
C ASN B 135 -17.13 -17.29 8.10
N CYS B 136 -16.09 -16.70 7.51
CA CYS B 136 -16.24 -15.79 6.40
C CYS B 136 -16.75 -16.49 5.12
N GLN B 137 -16.17 -17.65 4.78
CA GLN B 137 -16.64 -18.48 3.66
C GLN B 137 -18.07 -19.01 3.89
N ALA B 138 -18.36 -19.40 5.14
CA ALA B 138 -19.69 -19.86 5.54
C ALA B 138 -20.74 -18.78 5.39
N TYR B 139 -20.41 -17.55 5.78
CA TYR B 139 -21.38 -16.46 5.83
C TYR B 139 -21.53 -15.66 4.51
N ASN B 140 -20.42 -15.46 3.80
CA ASN B 140 -20.41 -14.65 2.58
C ASN B 140 -20.39 -15.47 1.29
N GLU B 141 -20.82 -14.87 0.19
CA GLU B 141 -20.71 -15.48 -1.15
C GLU B 141 -19.23 -15.78 -1.41
N TYR B 142 -18.93 -17.03 -1.76
CA TYR B 142 -17.55 -17.51 -1.90
C TYR B 142 -16.68 -16.65 -2.82
N ASP B 143 -17.28 -16.14 -3.90
CA ASP B 143 -16.55 -15.39 -4.92
C ASP B 143 -16.20 -13.94 -4.51
N SER B 144 -16.56 -13.53 -3.29
CA SER B 144 -16.43 -12.12 -2.90
C SER B 144 -15.06 -11.80 -2.31
N LEU B 145 -14.64 -10.55 -2.48
CA LEU B 145 -13.32 -10.09 -2.04
C LEU B 145 -13.04 -10.30 -0.55
N ILE B 146 -14.04 -10.10 0.30
CA ILE B 146 -13.88 -10.33 1.74
C ILE B 146 -13.48 -11.77 2.03
N VAL B 147 -14.08 -12.72 1.32
CA VAL B 147 -13.73 -14.16 1.45
C VAL B 147 -12.28 -14.41 1.03
N LYS B 148 -11.89 -13.91 -0.13
CA LYS B 148 -10.53 -14.09 -0.63
C LYS B 148 -9.51 -13.49 0.32
N ASN B 149 -9.86 -12.32 0.86
CA ASN B 149 -9.07 -11.66 1.90
C ASN B 149 -8.96 -12.45 3.20
N SER B 150 -10.06 -13.02 3.69
CA SER B 150 -10.01 -13.92 4.85
C SER B 150 -9.02 -15.07 4.65
N MET B 151 -9.00 -15.65 3.45
CA MET B 151 -8.03 -16.71 3.11
C MET B 151 -6.60 -16.21 3.25
N GLN B 152 -6.35 -14.99 2.82
CA GLN B 152 -5.02 -14.41 2.84
C GLN B 152 -4.57 -13.98 4.24
N VAL B 153 -5.50 -13.46 5.06
CA VAL B 153 -5.24 -13.27 6.49
C VAL B 153 -4.66 -14.56 7.10
N VAL B 154 -5.38 -15.68 6.92
CA VAL B 154 -5.03 -16.95 7.54
C VAL B 154 -3.68 -17.48 6.98
N MET B 155 -3.52 -17.43 5.66
CA MET B 155 -2.29 -17.81 5.00
C MET B 155 -1.08 -17.05 5.58
N LEU B 156 -1.21 -15.74 5.68
CA LEU B 156 -0.14 -14.88 6.15
C LEU B 156 0.23 -15.14 7.62
N ILE B 157 -0.77 -15.26 8.49
CA ILE B 157 -0.53 -15.72 9.87
C ILE B 157 0.18 -17.09 9.93
N GLU B 158 -0.29 -18.06 9.16
CA GLU B 158 0.27 -19.41 9.18
C GLU B 158 1.73 -19.49 8.65
N PHE B 159 2.06 -18.66 7.67
CA PHE B 159 3.45 -18.47 7.23
C PHE B 159 4.37 -17.99 8.34
N GLU B 160 3.88 -17.08 9.18
CA GLU B 160 4.68 -16.57 10.26
C GLU B 160 4.89 -17.64 11.33
N VAL B 161 3.85 -18.44 11.58
CA VAL B 161 3.93 -19.53 12.54
C VAL B 161 4.93 -20.60 12.03
N LEU B 162 4.78 -20.96 10.75
CA LEU B 162 5.68 -21.91 10.08
C LEU B 162 7.16 -21.57 10.23
N LYS B 163 7.53 -20.31 9.95
CA LYS B 163 8.92 -19.83 10.11
C LYS B 163 9.46 -19.93 11.53
N ALA B 164 8.68 -19.44 12.50
CA ALA B 164 9.04 -19.50 13.93
C ALA B 164 9.16 -20.93 14.42
N LYS B 165 8.22 -21.79 14.02
CA LYS B 165 8.28 -23.21 14.39
C LYS B 165 9.59 -23.87 13.94
N ASN B 166 10.07 -23.47 12.77
CA ASN B 166 11.25 -24.09 12.18
C ASN B 166 12.53 -23.28 12.37
N LEU B 167 12.56 -22.43 13.39
CA LEU B 167 13.73 -21.60 13.70
C LEU B 167 15.05 -22.40 13.67
N LYS B 168 15.03 -23.59 14.25
CA LYS B 168 16.26 -24.38 14.44
C LYS B 168 16.81 -25.08 13.20
N ARG B 169 15.99 -25.18 12.16
CA ARG B 169 16.47 -25.66 10.85
C ARG B 169 16.29 -24.63 9.72
N ASN B 170 16.12 -23.38 10.10
CA ASN B 170 16.01 -22.30 9.13
C ASN B 170 17.40 -21.74 8.82
N TYR B 171 18.25 -22.58 8.24
CA TYR B 171 19.66 -22.21 8.01
C TYR B 171 19.83 -21.07 7.04
N LEU B 172 20.89 -20.30 7.25
CA LEU B 172 21.32 -19.28 6.31
C LEU B 172 21.65 -19.94 4.98
N ILE B 173 21.29 -19.27 3.89
CA ILE B 173 21.54 -19.81 2.56
C ILE B 173 22.97 -19.46 2.13
N ASN B 174 23.91 -20.38 2.36
CA ASN B 174 25.25 -20.22 1.82
C ASN B 174 25.26 -20.77 0.39
N SER B 175 26.42 -20.79 -0.25
CA SER B 175 26.48 -21.25 -1.64
C SER B 175 26.09 -22.73 -1.83
N GLU B 176 26.39 -23.58 -0.84
CA GLU B 176 26.05 -25.02 -0.92
C GLU B 176 24.55 -25.27 -0.68
N VAL B 177 23.95 -24.55 0.26
CA VAL B 177 22.50 -24.65 0.46
C VAL B 177 21.76 -24.13 -0.78
N LYS B 178 22.27 -23.06 -1.39
CA LYS B 178 21.63 -22.47 -2.57
C LYS B 178 21.53 -23.47 -3.73
N ALA B 179 22.64 -24.17 -3.97
CA ALA B 179 22.72 -25.21 -4.99
C ALA B 179 21.68 -26.30 -4.76
N LYS B 180 21.55 -26.77 -3.51
CA LYS B 180 20.59 -27.83 -3.21
C LYS B 180 19.15 -27.34 -3.39
N LEU B 181 18.87 -26.09 -3.02
CA LEU B 181 17.54 -25.51 -3.20
C LEU B 181 17.19 -25.30 -4.67
N LEU B 182 18.15 -24.84 -5.46
CA LEU B 182 17.94 -24.71 -6.89
C LEU B 182 17.60 -26.06 -7.51
N HIS B 183 18.34 -27.10 -7.10
CA HIS B 183 18.11 -28.44 -7.60
C HIS B 183 16.69 -28.92 -7.31
N TYR B 184 16.27 -28.83 -6.03
CA TYR B 184 14.92 -29.24 -5.63
C TYR B 184 13.77 -28.41 -6.23
N LEU B 185 14.00 -27.12 -6.44
CA LEU B 185 13.08 -26.31 -7.24
C LEU B 185 12.96 -26.85 -8.67
N ASN B 186 14.10 -27.12 -9.33
CA ASN B 186 14.12 -27.71 -10.67
C ASN B 186 13.39 -29.04 -10.73
N LYS B 187 13.61 -29.88 -9.71
CA LYS B 187 12.96 -31.17 -9.59
C LYS B 187 11.44 -31.02 -9.47
N LEU B 188 10.98 -30.01 -8.73
CA LEU B 188 9.54 -29.73 -8.65
C LEU B 188 8.98 -29.24 -9.99
N VAL B 189 9.70 -28.32 -10.65
CA VAL B 189 9.31 -27.76 -11.93
C VAL B 189 9.15 -28.88 -12.97
N ASP B 190 10.06 -29.86 -12.92
CA ASP B 190 10.05 -30.99 -13.85
C ASP B 190 9.08 -32.13 -13.51
N ALA B 191 8.39 -32.03 -12.37
CA ALA B 191 7.50 -33.08 -11.87
C ALA B 191 6.32 -33.36 -12.79
N THR B 192 5.98 -34.63 -12.93
CA THR B 192 4.84 -35.07 -13.73
C THR B 192 3.93 -35.92 -12.84
N GLU B 193 2.71 -36.20 -13.31
CA GLU B 193 1.76 -36.97 -12.50
C GLU B 193 2.41 -38.29 -12.12
N LYS B 194 3.06 -38.91 -13.10
CA LYS B 194 3.85 -40.12 -12.92
C LYS B 194 4.96 -39.98 -11.87
N LYS B 195 5.84 -38.98 -12.04
CA LYS B 195 6.96 -38.80 -11.12
C LYS B 195 6.52 -38.54 -9.68
N ILE B 196 5.47 -37.74 -9.52
CA ILE B 196 4.96 -37.37 -8.20
C ILE B 196 4.39 -38.59 -7.50
N ASN B 197 3.43 -39.25 -8.13
CA ASN B 197 2.73 -40.38 -7.53
C ASN B 197 3.68 -41.48 -7.10
N GLN B 198 4.71 -41.70 -7.92
CA GLN B 198 5.74 -42.68 -7.66
C GLN B 198 6.50 -42.39 -6.35
N ALA B 199 6.75 -41.11 -6.10
CA ALA B 199 7.41 -40.67 -4.87
C ALA B 199 6.49 -40.77 -3.65
N LEU B 200 5.23 -40.37 -3.82
CA LEU B 200 4.27 -40.26 -2.72
C LEU B 200 3.58 -41.57 -2.31
N LEU B 201 3.37 -42.46 -3.29
CA LEU B 201 2.64 -43.71 -3.07
C LEU B 201 3.52 -44.95 -3.26
N GLY B 202 4.66 -44.78 -3.92
CA GLY B 202 5.62 -45.86 -4.12
C GLY B 202 5.03 -47.03 -4.88
N ALA B 203 4.71 -48.10 -4.15
CA ALA B 203 4.10 -49.31 -4.70
C ALA B 203 2.59 -49.20 -4.90
N SER B 204 1.92 -48.48 -3.98
CA SER B 204 0.47 -48.23 -4.05
C SER B 204 0.09 -47.28 -5.20
N SER B 205 1.09 -46.90 -6.00
CA SER B 205 0.94 -45.99 -7.13
C SER B 205 0.11 -46.59 -8.27
N PRO B 206 -0.96 -45.89 -8.68
CA PRO B 206 -1.68 -46.30 -9.89
C PRO B 206 -0.74 -46.37 -11.09
N LYS B 207 -1.09 -47.19 -12.07
CA LYS B 207 -0.17 -47.53 -13.16
C LYS B 207 -0.46 -46.76 -14.44
N ASN B 208 0.55 -46.68 -15.31
CA ASN B 208 0.47 -46.00 -16.60
C ASN B 208 0.10 -44.51 -16.53
N LEU B 209 0.64 -43.81 -15.53
CA LEU B 209 0.36 -42.38 -15.34
C LEU B 209 1.11 -41.52 -16.36
N ASP B 210 0.64 -40.28 -16.55
CA ASP B 210 1.23 -39.37 -17.52
C ASP B 210 2.63 -38.93 -17.11
N ASP B 211 3.60 -39.11 -18.00
CA ASP B 211 4.98 -38.67 -17.72
C ASP B 211 5.45 -37.55 -18.65
N LYS B 212 4.51 -36.81 -19.23
CA LYS B 212 4.88 -35.75 -20.18
C LYS B 212 4.50 -34.32 -19.74
N VAL B 213 3.34 -34.17 -19.12
CA VAL B 213 2.87 -32.87 -18.68
C VAL B 213 3.47 -32.48 -17.32
N LYS B 214 4.11 -31.33 -17.29
CA LYS B 214 4.62 -30.78 -16.05
C LYS B 214 3.54 -29.94 -15.37
N LEU B 215 3.18 -30.32 -14.15
CA LEU B 215 2.13 -29.64 -13.40
C LEU B 215 2.48 -28.18 -13.10
N SER B 216 3.77 -27.88 -13.08
CA SER B 216 4.32 -26.54 -12.79
C SER B 216 3.97 -25.50 -13.85
N GLU B 217 3.58 -25.95 -15.04
CA GLU B 217 3.45 -25.08 -16.21
C GLU B 217 2.72 -23.75 -15.95
N PRO B 218 1.50 -23.78 -15.37
CA PRO B 218 0.83 -22.49 -15.19
C PRO B 218 1.25 -21.68 -13.95
N PHE B 219 2.34 -22.09 -13.28
CA PHE B 219 2.83 -21.43 -12.05
C PHE B 219 4.18 -20.80 -12.29
N MET B 220 4.71 -20.96 -13.50
CA MET B 220 6.05 -20.50 -13.85
C MET B 220 6.14 -18.98 -13.94
N GLU B 221 5.13 -18.35 -14.54
CA GLU B 221 5.15 -16.93 -14.84
C GLU B 221 3.92 -16.26 -14.27
N LEU B 222 4.03 -14.97 -14.02
CA LEU B 222 2.90 -14.16 -13.64
C LEU B 222 1.87 -14.02 -14.75
N VAL B 223 0.63 -14.27 -14.38
CA VAL B 223 -0.52 -13.82 -15.10
C VAL B 223 -0.37 -12.44 -15.67
N ASP B 224 -0.92 -12.24 -16.84
CA ASP B 224 -0.81 -10.95 -17.51
C ASP B 224 -1.98 -10.10 -17.11
N LYS B 225 -1.68 -8.98 -16.49
CA LYS B 225 -2.74 -8.12 -15.93
C LYS B 225 -3.71 -7.61 -17.00
N ASP B 226 -3.19 -7.32 -18.18
CA ASP B 226 -3.99 -6.79 -19.28
C ASP B 226 -5.08 -7.74 -19.78
N GLU B 227 -4.87 -9.04 -19.64
CA GLU B 227 -5.91 -10.00 -19.99
C GLU B 227 -6.70 -10.55 -18.81
N LEU B 228 -6.15 -10.42 -17.61
CA LEU B 228 -6.86 -10.81 -16.40
C LEU B 228 -6.65 -9.80 -15.27
N PRO B 229 -7.30 -8.61 -15.39
CA PRO B 229 -7.19 -7.55 -14.39
C PRO B 229 -7.69 -7.93 -12.99
N GLU B 230 -8.69 -8.80 -12.90
CA GLU B 230 -9.25 -9.24 -11.61
C GLU B 230 -8.25 -9.99 -10.74
N TYR B 231 -7.30 -10.66 -11.39
CA TYR B 231 -6.29 -11.42 -10.68
C TYR B 231 -5.56 -10.58 -9.63
N TYR B 232 -5.12 -9.39 -10.04
CA TYR B 232 -4.30 -8.54 -9.19
C TYR B 232 -5.13 -7.74 -8.21
N GLU B 233 -6.45 -7.78 -8.37
CA GLU B 233 -7.37 -7.24 -7.36
C GLU B 233 -7.56 -8.19 -6.19
N ILE B 234 -7.43 -9.49 -6.46
CA ILE B 234 -7.74 -10.54 -5.51
C ILE B 234 -6.48 -11.06 -4.82
N VAL B 235 -5.45 -11.30 -5.62
CA VAL B 235 -4.18 -11.82 -5.15
C VAL B 235 -3.23 -10.67 -4.76
N HIS B 236 -3.10 -10.47 -3.46
CA HIS B 236 -2.31 -9.34 -2.95
C HIS B 236 -0.78 -9.51 -2.96
N SER B 237 -0.27 -10.75 -2.87
CA SER B 237 1.19 -11.03 -3.07
C SER B 237 1.44 -12.02 -4.18
N PRO B 238 1.38 -11.55 -5.44
CA PRO B 238 1.65 -12.40 -6.60
C PRO B 238 3.05 -12.98 -6.52
N MET B 239 3.17 -14.24 -6.92
CA MET B 239 4.47 -14.93 -6.96
C MET B 239 4.38 -15.97 -8.06
N ALA B 240 5.52 -16.22 -8.70
CA ALA B 240 5.64 -17.19 -9.78
C ALA B 240 6.98 -17.92 -9.64
N LEU B 241 7.04 -19.16 -10.10
CA LEU B 241 8.22 -20.02 -9.89
C LEU B 241 9.50 -19.55 -10.55
N SER B 242 9.41 -18.83 -11.68
CA SER B 242 10.64 -18.28 -12.29
C SER B 242 11.20 -17.11 -11.48
N ILE B 243 10.32 -16.38 -10.81
CA ILE B 243 10.71 -15.29 -9.90
C ILE B 243 11.43 -15.82 -8.66
N VAL B 244 10.87 -16.85 -8.03
CA VAL B 244 11.54 -17.58 -6.96
C VAL B 244 12.92 -18.04 -7.40
N LYS B 245 13.01 -18.66 -8.58
CA LYS B 245 14.28 -19.16 -9.09
C LYS B 245 15.30 -18.02 -9.22
N GLN B 246 14.86 -16.93 -9.84
CA GLN B 246 15.68 -15.74 -9.96
C GLN B 246 16.11 -15.20 -8.58
N ASN B 247 15.18 -15.13 -7.64
CA ASN B 247 15.51 -14.64 -6.29
C ASN B 247 16.61 -15.48 -5.67
N LEU B 248 16.54 -16.78 -5.91
CA LEU B 248 17.52 -17.74 -5.39
C LEU B 248 18.90 -17.51 -6.03
N GLU B 249 18.93 -17.41 -7.35
CA GLU B 249 20.17 -17.21 -8.10
C GLU B 249 20.91 -15.93 -7.76
N ILE B 250 20.19 -14.86 -7.41
CA ILE B 250 20.82 -13.56 -7.17
C ILE B 250 20.95 -13.21 -5.67
N GLY B 251 20.63 -14.17 -4.82
CA GLY B 251 20.87 -14.06 -3.39
C GLY B 251 19.85 -13.27 -2.61
N GLN B 252 18.59 -13.34 -3.03
CA GLN B 252 17.53 -12.54 -2.39
C GLN B 252 16.84 -13.24 -1.22
N TYR B 253 17.16 -14.51 -1.02
CA TYR B 253 16.67 -15.25 0.15
C TYR B 253 17.81 -15.46 1.13
N SER B 254 17.62 -15.01 2.35
CA SER B 254 18.66 -15.10 3.37
C SER B 254 18.68 -16.46 4.02
N LYS B 255 17.48 -17.00 4.28
CA LYS B 255 17.36 -18.31 4.91
C LYS B 255 16.40 -19.22 4.20
N ILE B 256 16.44 -20.49 4.58
CA ILE B 256 15.72 -21.55 3.89
C ILE B 256 14.23 -21.23 3.83
N TYR B 257 13.66 -20.79 4.95
CA TYR B 257 12.21 -20.55 5.03
C TYR B 257 11.71 -19.30 4.30
N ASP B 258 12.62 -18.45 3.82
CA ASP B 258 12.25 -17.33 2.95
C ASP B 258 11.90 -17.86 1.56
N PHE B 259 12.74 -18.77 1.06
CA PHE B 259 12.50 -19.54 -0.16
C PHE B 259 11.24 -20.41 -0.08
N ILE B 260 11.14 -21.25 0.96
CA ILE B 260 9.98 -22.07 1.23
C ILE B 260 8.64 -21.30 1.30
N ILE B 261 8.60 -20.19 2.02
CA ILE B 261 7.34 -19.41 2.09
C ILE B 261 6.89 -18.90 0.71
N ASP B 262 7.83 -18.38 -0.09
CA ASP B 262 7.54 -17.96 -1.46
C ASP B 262 7.03 -19.08 -2.35
N MET B 263 7.60 -20.26 -2.19
CA MET B 263 7.13 -21.45 -2.87
C MET B 263 5.69 -21.76 -2.47
N LEU B 264 5.44 -21.79 -1.18
CA LEU B 264 4.08 -22.03 -0.66
C LEU B 264 3.07 -20.96 -1.10
N LEU B 265 3.50 -19.70 -1.13
CA LEU B 265 2.70 -18.58 -1.67
C LEU B 265 2.24 -18.82 -3.12
N VAL B 266 3.14 -19.30 -3.98
CA VAL B 266 2.75 -19.60 -5.37
C VAL B 266 1.52 -20.53 -5.41
N PHE B 267 1.57 -21.64 -4.67
CA PHE B 267 0.54 -22.68 -4.74
C PHE B 267 -0.74 -22.24 -4.02
N GLN B 268 -0.56 -21.48 -2.95
CA GLN B 268 -1.66 -20.97 -2.15
C GLN B 268 -2.46 -19.86 -2.87
N ASN B 269 -1.76 -19.00 -3.63
CA ASN B 269 -2.41 -17.98 -4.46
C ASN B 269 -3.37 -18.59 -5.50
N ALA B 270 -2.97 -19.76 -6.05
CA ALA B 270 -3.85 -20.56 -6.92
C ALA B 270 -5.12 -21.04 -6.23
N HIS B 271 -5.01 -21.42 -4.96
CA HIS B 271 -6.18 -21.85 -4.16
C HIS B 271 -7.11 -20.69 -3.81
N ILE B 272 -6.56 -19.49 -3.82
CA ILE B 272 -7.32 -18.29 -3.44
C ILE B 272 -8.07 -17.73 -4.64
N PHE B 273 -7.36 -17.62 -5.78
CA PHE B 273 -7.98 -17.11 -6.99
C PHE B 273 -8.90 -18.11 -7.71
N ASN B 274 -8.51 -19.38 -7.76
CA ASN B 274 -9.24 -20.38 -8.54
C ASN B 274 -10.22 -21.18 -7.72
N ASP B 275 -11.25 -21.71 -8.39
CA ASP B 275 -12.27 -22.53 -7.77
C ASP B 275 -11.71 -23.90 -7.41
N PRO B 276 -12.12 -24.46 -6.25
CA PRO B 276 -11.77 -25.82 -5.84
C PRO B 276 -11.94 -26.89 -6.95
N SER B 277 -12.85 -26.65 -7.90
CA SER B 277 -13.16 -27.58 -8.96
C SER B 277 -12.24 -27.48 -10.16
N ALA B 278 -11.45 -26.40 -10.25
CA ALA B 278 -10.55 -26.20 -11.38
C ALA B 278 -9.31 -27.08 -11.28
N LEU B 279 -8.74 -27.40 -12.41
CA LEU B 279 -7.63 -28.30 -12.46
C LEU B 279 -6.38 -27.63 -11.96
N ILE B 280 -6.29 -26.35 -12.20
CA ILE B 280 -5.15 -25.54 -11.73
C ILE B 280 -5.13 -25.50 -10.19
N TYR B 281 -6.31 -25.54 -9.57
CA TYR B 281 -6.46 -25.62 -8.13
C TYR B 281 -5.97 -26.98 -7.62
N LYS B 282 -6.39 -28.07 -8.29
CA LYS B 282 -5.98 -29.41 -7.90
C LYS B 282 -4.50 -29.70 -8.12
N ASP B 283 -3.92 -29.13 -9.18
CA ASP B 283 -2.48 -29.23 -9.41
C ASP B 283 -1.66 -28.42 -8.39
N ALA B 284 -2.25 -27.37 -7.83
CA ALA B 284 -1.60 -26.63 -6.75
C ALA B 284 -1.54 -27.47 -5.46
N THR B 285 -2.54 -28.34 -5.29
CA THR B 285 -2.56 -29.27 -4.15
C THR B 285 -1.50 -30.36 -4.28
N THR B 286 -1.43 -30.95 -5.47
CA THR B 286 -0.46 -32.00 -5.76
C THR B 286 0.97 -31.48 -5.60
N LEU B 287 1.18 -30.26 -6.10
CA LEU B 287 2.53 -29.70 -6.12
C LEU B 287 2.95 -29.28 -4.74
N THR B 288 1.99 -28.89 -3.91
CA THR B 288 2.22 -28.60 -2.49
C THR B 288 2.69 -29.86 -1.76
N ASN B 289 1.94 -30.96 -1.89
CA ASN B 289 2.29 -32.22 -1.25
C ASN B 289 3.62 -32.78 -1.77
N TYR B 290 3.94 -32.55 -3.04
CA TYR B 290 5.21 -32.98 -3.60
C TYR B 290 6.37 -32.12 -3.09
N PHE B 291 6.15 -30.81 -3.02
CA PHE B 291 7.15 -29.89 -2.47
C PHE B 291 7.51 -30.24 -1.02
N ASN B 292 6.50 -30.51 -0.21
CA ASN B 292 6.69 -30.93 1.19
C ASN B 292 7.42 -32.25 1.28
N TYR B 293 7.23 -33.10 0.28
CA TYR B 293 7.93 -34.36 0.24
C TYR B 293 9.41 -34.12 -0.06
N LEU B 294 9.70 -33.30 -1.07
CA LEU B 294 11.06 -32.97 -1.44
C LEU B 294 11.82 -32.36 -0.25
N ILE B 295 11.20 -31.36 0.37
CA ILE B 295 11.81 -30.68 1.53
C ILE B 295 12.05 -31.62 2.70
N GLN B 296 11.01 -32.37 3.10
CA GLN B 296 11.04 -33.16 4.34
C GLN B 296 11.73 -34.51 4.21
N LYS B 297 11.57 -35.16 3.05
CA LYS B 297 12.13 -36.51 2.88
C LYS B 297 13.46 -36.57 2.14
N GLU B 298 13.78 -35.54 1.35
CA GLU B 298 15.02 -35.55 0.57
C GLU B 298 15.96 -34.42 0.97
N PHE B 299 15.48 -33.18 0.93
CA PHE B 299 16.33 -32.01 1.15
C PHE B 299 16.93 -31.90 2.56
N PHE B 300 16.08 -31.90 3.61
CA PHE B 300 16.56 -31.78 5.00
C PHE B 300 17.43 -32.95 5.45
N PRO B 301 17.00 -34.21 5.18
CA PRO B 301 17.87 -35.38 5.42
C PRO B 301 19.24 -35.31 4.73
N GLU B 302 19.25 -34.84 3.48
CA GLU B 302 20.49 -34.63 2.74
C GLU B 302 21.39 -33.60 3.41
N LEU B 303 20.82 -32.47 3.83
CA LEU B 303 21.58 -31.46 4.56
C LEU B 303 22.17 -32.05 5.81
N GLN B 304 21.37 -32.81 6.55
CA GLN B 304 21.79 -33.42 7.81
C GLN B 304 22.92 -34.43 7.60
N ASP B 305 22.77 -35.27 6.57
CA ASP B 305 23.76 -36.27 6.25
C ASP B 305 25.06 -35.63 5.80
N LEU B 306 24.97 -34.56 5.01
CA LEU B 306 26.15 -33.79 4.58
C LEU B 306 26.82 -33.04 5.73
N ASN B 307 26.02 -32.58 6.69
CA ASN B 307 26.50 -31.86 7.88
C ASN B 307 27.34 -32.75 8.78
N GLU B 308 26.91 -34.02 8.91
CA GLU B 308 27.52 -34.97 9.84
C GLU B 308 28.81 -35.61 9.29
N ARG B 309 29.09 -35.30 8.02
CA ARG B 309 30.32 -35.74 7.36
C ARG B 309 31.23 -34.54 7.11
N GLY B 310 30.96 -33.43 7.78
CA GLY B 310 31.73 -32.18 7.64
C GLY B 310 31.79 -31.60 6.24
N GLU B 311 30.71 -31.76 5.46
CA GLU B 311 30.69 -31.32 4.05
C GLU B 311 29.86 -30.04 3.83
N ILE B 312 29.01 -29.67 4.79
CA ILE B 312 28.24 -28.43 4.68
C ILE B 312 28.21 -27.65 6.00
N ASN B 313 28.27 -26.32 5.89
CA ASN B 313 28.11 -25.47 7.06
C ASN B 313 26.67 -25.04 7.26
N LEU B 314 26.04 -25.52 8.33
CA LEU B 314 24.67 -25.13 8.65
C LEU B 314 24.65 -24.11 9.79
N GLU B 315 24.29 -22.87 9.44
CA GLU B 315 24.33 -21.74 10.36
C GLU B 315 22.91 -21.33 10.71
N PHE B 316 22.68 -21.19 12.00
CA PHE B 316 21.35 -21.07 12.58
C PHE B 316 21.12 -19.67 13.18
N PRO C 29 42.10 -14.01 -5.68
CA PRO C 29 41.02 -14.48 -4.82
C PRO C 29 41.37 -14.45 -3.32
N GLY C 30 41.69 -13.26 -2.80
CA GLY C 30 42.37 -13.05 -1.51
C GLY C 30 43.27 -11.82 -1.66
OH ALY C 31 43.65 -7.37 4.08
CH ALY C 31 44.25 -6.69 3.26
CH3 ALY C 31 43.59 -5.53 2.62
NZ ALY C 31 45.50 -6.91 2.84
CE ALY C 31 46.39 -7.95 3.29
CD ALY C 31 46.05 -9.29 2.66
CG ALY C 31 46.29 -9.26 1.15
CB ALY C 31 45.87 -10.61 0.62
CA ALY C 31 45.16 -10.51 -0.73
N ALY C 31 44.25 -11.68 -0.78
C ALY C 31 46.24 -10.38 -1.78
O ALY C 31 46.93 -11.36 -2.10
N HIS C 32 46.44 -9.16 -2.29
CA HIS C 32 47.35 -8.91 -3.43
C HIS C 32 48.16 -7.61 -3.36
N PRO C 33 49.28 -7.62 -2.62
CA PRO C 33 50.05 -6.37 -2.45
C PRO C 33 50.51 -5.76 -3.79
N LYS C 34 50.44 -4.43 -3.88
CA LYS C 34 50.84 -3.68 -5.07
C LYS C 34 52.33 -3.83 -5.39
N ASN C 35 52.67 -3.51 -6.64
CA ASN C 35 54.03 -3.54 -7.18
C ASN C 35 54.90 -2.38 -6.67
N GLN C 36 54.80 -2.06 -5.38
CA GLN C 36 55.30 -0.79 -4.84
C GLN C 36 56.08 -0.90 -3.52
N GLU C 37 57.01 0.04 -3.33
CA GLU C 37 57.66 0.27 -2.04
C GLU C 37 56.96 1.41 -1.28
N LYS C 38 56.48 2.41 -2.02
CA LYS C 38 55.74 3.53 -1.43
C LYS C 38 54.29 3.56 -1.96
N THR C 39 53.33 3.18 -1.12
CA THR C 39 51.90 3.17 -1.51
C THR C 39 51.18 4.49 -1.22
N PRO C 40 50.04 4.75 -1.90
CA PRO C 40 49.41 6.06 -1.78
C PRO C 40 48.92 6.36 -0.36
N HIS C 41 48.94 7.65 -0.02
CA HIS C 41 48.44 8.16 1.27
C HIS C 41 46.92 8.05 1.37
N VAL C 42 46.42 7.71 2.55
CA VAL C 42 44.99 7.64 2.80
C VAL C 42 44.50 8.86 3.57
N ASP C 43 43.55 9.58 2.99
CA ASP C 43 42.95 10.74 3.66
C ASP C 43 41.75 10.30 4.51
N TYR C 44 41.96 10.23 5.82
CA TYR C 44 40.92 9.78 6.75
C TYR C 44 39.66 10.63 6.66
N ASN C 45 39.84 11.93 6.58
CA ASN C 45 38.76 12.91 6.72
C ASN C 45 37.86 13.12 5.50
N ALA C 46 38.38 12.80 4.31
CA ALA C 46 37.64 12.97 3.06
C ALA C 46 36.63 11.83 2.85
N PRO C 47 35.33 12.13 2.96
CA PRO C 47 34.32 11.12 2.65
C PRO C 47 34.45 10.59 1.21
N LEU C 48 34.08 9.33 0.99
CA LEU C 48 34.10 8.77 -0.36
C LEU C 48 33.14 9.56 -1.26
N ASN C 49 32.02 9.98 -0.70
CA ASN C 49 31.08 10.83 -1.38
C ASN C 49 30.64 11.97 -0.45
N PRO C 50 31.31 13.13 -0.55
CA PRO C 50 31.15 14.23 0.43
C PRO C 50 29.78 14.91 0.36
N LYS C 51 29.05 14.68 -0.73
CA LYS C 51 27.71 15.24 -0.93
C LYS C 51 26.60 14.30 -0.48
N SER C 52 26.97 13.14 0.08
CA SER C 52 25.99 12.23 0.66
C SER C 52 25.29 12.86 1.86
N GLU C 53 23.97 12.69 1.93
CA GLU C 53 23.16 13.11 3.07
C GLU C 53 23.65 12.55 4.42
N LEU C 54 24.36 11.43 4.39
CA LEU C 54 24.93 10.82 5.58
C LEU C 54 25.96 11.74 6.24
N PHE C 55 26.62 12.59 5.45
CA PHE C 55 27.60 13.56 5.95
C PHE C 55 27.09 14.99 6.05
N LEU C 56 25.97 15.26 5.36
CA LEU C 56 25.42 16.62 5.25
C LEU C 56 24.32 16.88 6.27
N ASP C 57 23.43 15.90 6.48
CA ASP C 57 22.32 16.04 7.40
C ASP C 57 22.85 15.82 8.83
N ASP C 58 22.21 16.49 9.79
CA ASP C 58 22.54 16.29 11.20
C ASP C 58 21.62 15.23 11.75
N TRP C 59 22.14 14.02 11.90
CA TRP C 59 21.31 12.90 12.32
C TRP C 59 22.03 12.17 13.42
N HIS C 60 21.27 11.54 14.32
CA HIS C 60 21.82 10.58 15.25
C HIS C 60 20.84 9.47 15.49
N ILE C 61 21.35 8.23 15.57
CA ILE C 61 20.55 7.05 15.91
C ILE C 61 20.65 6.83 17.43
N PRO C 62 19.49 6.77 18.15
CA PRO C 62 19.55 6.52 19.61
C PRO C 62 20.17 5.14 19.87
N LYS C 63 20.97 5.03 20.93
CA LYS C 63 21.80 3.83 21.16
C LYS C 63 22.55 3.37 19.89
N PHE C 64 23.37 4.29 19.35
CA PHE C 64 24.15 4.05 18.15
C PHE C 64 25.08 2.84 18.26
N ASN C 65 25.72 2.66 19.40
CA ASN C 65 26.64 1.53 19.60
C ASN C 65 25.95 0.14 19.49
N ARG C 66 24.75 0.00 20.05
CA ARG C 66 23.93 -1.20 19.89
C ARG C 66 23.50 -1.42 18.44
N PHE C 67 23.10 -0.34 17.76
CA PHE C 67 22.75 -0.41 16.35
C PHE C 67 23.94 -0.91 15.52
N ILE C 68 25.14 -0.47 15.89
CA ILE C 68 26.36 -0.79 15.16
C ILE C 68 26.73 -2.26 15.30
N SER C 69 26.83 -2.76 16.54
CA SER C 69 27.14 -4.17 16.75
C SER C 69 26.13 -5.10 16.14
N PHE C 70 24.85 -4.74 16.26
CA PHE C 70 23.76 -5.53 15.73
C PHE C 70 23.81 -5.58 14.22
N THR C 71 23.97 -4.42 13.61
CA THR C 71 23.98 -4.29 12.16
C THR C 71 25.17 -5.03 11.51
N LEU C 72 26.36 -4.83 12.06
CA LEU C 72 27.58 -5.47 11.55
C LEU C 72 27.54 -6.98 11.75
N ASP C 73 27.06 -7.43 12.91
CA ASP C 73 26.83 -8.86 13.12
C ASP C 73 25.85 -9.49 12.13
N VAL C 74 24.75 -8.82 11.82
CA VAL C 74 23.78 -9.33 10.86
C VAL C 74 24.43 -9.41 9.46
N LEU C 75 25.18 -8.37 9.11
CA LEU C 75 25.91 -8.33 7.83
C LEU C 75 27.01 -9.40 7.72
N ILE C 76 27.83 -9.53 8.75
CA ILE C 76 28.86 -10.56 8.81
C ILE C 76 28.26 -11.96 8.56
N ASP C 77 27.11 -12.23 9.17
CA ASP C 77 26.47 -13.53 9.08
C ASP C 77 25.82 -13.80 7.73
N LYS C 78 25.32 -12.72 7.13
CA LYS C 78 24.54 -12.74 5.89
C LYS C 78 25.51 -12.77 4.71
N TYR C 79 26.67 -12.13 4.87
CA TYR C 79 27.65 -11.99 3.80
C TYR C 79 29.06 -12.40 4.26
N LYS C 80 29.15 -13.53 4.96
CA LYS C 80 30.41 -14.10 5.47
C LYS C 80 31.58 -14.01 4.49
N ASP C 81 31.33 -14.44 3.26
CA ASP C 81 32.36 -14.54 2.24
C ASP C 81 33.02 -13.21 1.90
N ILE C 82 32.25 -12.13 1.88
CA ILE C 82 32.85 -10.85 1.57
C ILE C 82 33.32 -10.06 2.80
N PHE C 83 32.72 -10.31 3.95
CA PHE C 83 33.13 -9.63 5.16
C PHE C 83 34.36 -10.23 5.82
N LYS C 84 34.70 -11.49 5.50
CA LYS C 84 35.67 -12.23 6.31
C LYS C 84 37.07 -11.63 6.44
N ASP C 85 37.60 -11.05 5.36
CA ASP C 85 38.94 -10.44 5.38
C ASP C 85 39.00 -9.13 6.16
N PHE C 86 37.85 -8.60 6.57
CA PHE C 86 37.79 -7.25 7.18
C PHE C 86 37.40 -7.29 8.65
N ILE C 87 37.20 -8.48 9.19
CA ILE C 87 36.72 -8.63 10.56
C ILE C 87 37.88 -8.34 11.50
N LYS C 88 39.03 -8.96 11.20
CA LYS C 88 40.26 -8.72 11.93
C LYS C 88 41.25 -7.91 11.11
N LEU C 89 42.19 -7.30 11.82
CA LEU C 89 43.32 -6.60 11.19
C LEU C 89 44.20 -7.61 10.44
N PRO C 90 44.80 -7.19 9.30
CA PRO C 90 45.66 -8.12 8.52
C PRO C 90 46.77 -8.74 9.36
N SER C 91 47.09 -10.00 9.07
CA SER C 91 48.14 -10.72 9.79
C SER C 91 49.51 -10.01 9.70
N ARG C 92 50.05 -9.67 10.87
CA ARG C 92 51.41 -9.09 10.93
C ARG C 92 52.45 -10.15 10.59
N LYS C 93 52.15 -11.39 10.97
CA LYS C 93 52.99 -12.55 10.64
C LYS C 93 53.20 -12.68 9.13
N PHE C 94 52.10 -12.74 8.38
CA PHE C 94 52.12 -12.98 6.92
C PHE C 94 52.23 -11.71 6.07
N HIS C 95 51.76 -10.59 6.62
CA HIS C 95 51.93 -9.29 5.95
C HIS C 95 52.50 -8.23 6.90
N PRO C 96 53.83 -8.30 7.19
CA PRO C 96 54.46 -7.33 8.09
C PRO C 96 54.57 -5.93 7.49
N GLN C 97 54.81 -5.85 6.18
CA GLN C 97 54.89 -4.55 5.47
C GLN C 97 53.57 -3.77 5.44
N TYR C 98 52.46 -4.45 5.70
CA TYR C 98 51.16 -3.79 5.77
C TYR C 98 51.16 -2.62 6.77
N TYR C 99 51.83 -2.82 7.90
CA TYR C 99 51.81 -1.87 9.02
C TYR C 99 52.82 -0.74 8.86
N TYR C 100 53.63 -0.82 7.82
CA TYR C 100 54.50 0.27 7.41
C TYR C 100 53.91 1.11 6.29
N LYS C 101 53.04 0.50 5.49
CA LYS C 101 52.44 1.19 4.34
C LYS C 101 51.11 1.88 4.67
N ILE C 102 50.44 1.40 5.71
CA ILE C 102 49.08 1.81 6.02
C ILE C 102 49.10 2.54 7.35
N GLN C 103 48.88 3.85 7.32
CA GLN C 103 48.99 4.65 8.52
C GLN C 103 47.96 4.27 9.57
N GLN C 104 46.73 3.98 9.15
CA GLN C 104 45.65 3.72 10.09
C GLN C 104 44.87 2.44 9.80
N PRO C 105 45.40 1.28 10.23
CA PRO C 105 44.67 0.02 10.07
C PRO C 105 43.27 0.07 10.72
N MET C 106 42.31 -0.61 10.11
CA MET C 106 40.93 -0.62 10.60
C MET C 106 40.32 -1.97 10.28
N SER C 107 39.54 -2.48 11.23
CA SER C 107 38.82 -3.71 11.09
C SER C 107 37.43 -3.50 11.69
N ILE C 108 36.54 -4.45 11.41
CA ILE C 108 35.22 -4.47 11.99
C ILE C 108 35.27 -4.69 13.49
N ASN C 109 36.23 -5.49 13.97
CA ASN C 109 36.38 -5.68 15.42
C ASN C 109 36.82 -4.41 16.14
N GLU C 110 37.71 -3.65 15.50
CA GLU C 110 38.15 -2.36 16.01
C GLU C 110 36.97 -1.41 16.16
N ILE C 111 36.15 -1.33 15.11
CA ILE C 111 34.94 -0.52 15.07
C ILE C 111 33.97 -0.89 16.21
N LYS C 112 33.87 -2.18 16.48
CA LYS C 112 32.98 -2.66 17.51
C LYS C 112 33.54 -2.41 18.91
N SER C 113 34.80 -2.00 18.99
CA SER C 113 35.42 -1.69 20.26
C SER C 113 35.48 -0.15 20.47
N ARG C 114 34.69 0.59 19.71
CA ARG C 114 34.64 2.04 19.86
C ARG C 114 33.24 2.57 20.22
N ASP C 115 33.23 3.71 20.87
CA ASP C 115 32.02 4.44 21.24
C ASP C 115 31.73 5.48 20.15
N TYR C 116 30.48 5.55 19.73
CA TYR C 116 30.06 6.50 18.70
C TYR C 116 28.84 7.33 19.13
N GLU C 117 28.52 7.27 20.42
CA GLU C 117 27.39 7.99 21.02
C GLU C 117 27.85 9.35 21.51
N TYR C 118 28.15 10.21 20.54
CA TYR C 118 28.62 11.58 20.80
C TYR C 118 28.38 12.35 19.51
N GLU C 119 28.49 13.68 19.57
CA GLU C 119 27.99 14.57 18.51
C GLU C 119 28.48 14.24 17.08
N ASP C 120 29.79 14.02 16.92
CA ASP C 120 30.37 13.62 15.63
C ASP C 120 30.54 12.13 15.49
N GLY C 121 29.84 11.37 16.31
CA GLY C 121 29.85 9.91 16.22
C GLY C 121 29.43 9.42 14.84
N PRO C 122 28.28 9.85 14.33
CA PRO C 122 27.84 9.34 13.04
C PRO C 122 28.87 9.46 11.92
N SER C 123 29.55 10.58 11.79
CA SER C 123 30.43 10.75 10.66
C SER C 123 31.79 10.09 10.92
N ASN C 124 32.21 10.04 12.19
CA ASN C 124 33.40 9.28 12.55
C ASN C 124 33.22 7.77 12.36
N PHE C 125 32.01 7.27 12.60
CA PHE C 125 31.70 5.87 12.31
C PHE C 125 31.81 5.57 10.82
N LEU C 126 31.25 6.44 10.02
CA LEU C 126 31.26 6.30 8.56
C LEU C 126 32.68 6.43 8.02
N LEU C 127 33.51 7.24 8.67
CA LEU C 127 34.87 7.47 8.17
C LEU C 127 35.79 6.30 8.55
N ASP C 128 35.46 5.62 9.66
CA ASP C 128 36.13 4.41 10.11
C ASP C 128 35.75 3.24 9.22
N VAL C 129 34.44 3.08 8.95
CA VAL C 129 33.93 2.16 7.93
C VAL C 129 34.59 2.36 6.56
N GLU C 130 34.69 3.61 6.13
CA GLU C 130 35.21 3.94 4.80
C GLU C 130 36.72 3.72 4.73
N LEU C 131 37.35 3.68 5.89
CA LEU C 131 38.74 3.24 5.98
C LEU C 131 38.91 1.83 5.43
N LEU C 132 37.90 1.00 5.62
CA LEU C 132 37.98 -0.41 5.29
C LEU C 132 38.29 -0.62 3.81
N THR C 133 37.72 0.24 2.98
CA THR C 133 37.98 0.20 1.54
C THR C 133 39.16 1.08 1.10
N LYS C 134 39.35 2.20 1.77
CA LYS C 134 40.43 3.12 1.40
C LYS C 134 41.77 2.46 1.65
N ASN C 135 41.90 1.76 2.79
CA ASN C 135 43.10 1.04 3.14
C ASN C 135 43.38 -0.09 2.15
N CYS C 136 42.32 -0.85 1.83
CA CYS C 136 42.42 -2.01 0.96
C CYS C 136 42.81 -1.60 -0.45
N GLN C 137 42.19 -0.55 -0.96
CA GLN C 137 42.56 0.04 -2.25
C GLN C 137 44.00 0.57 -2.28
N ALA C 138 44.46 1.12 -1.16
CA ALA C 138 45.83 1.66 -1.11
C ALA C 138 46.87 0.57 -1.09
N TYR C 139 46.56 -0.55 -0.45
CA TYR C 139 47.53 -1.62 -0.24
C TYR C 139 47.56 -2.62 -1.41
N ASN C 140 46.37 -2.99 -1.91
CA ASN C 140 46.22 -4.00 -2.97
C ASN C 140 46.03 -3.44 -4.37
N GLU C 141 46.34 -4.28 -5.36
CA GLU C 141 46.02 -4.05 -6.76
C GLU C 141 44.51 -3.79 -6.87
N TYR C 142 44.14 -2.74 -7.60
CA TYR C 142 42.75 -2.29 -7.72
C TYR C 142 41.84 -3.32 -8.39
N ASP C 143 42.34 -3.94 -9.44
CA ASP C 143 41.55 -4.93 -10.13
C ASP C 143 41.75 -6.28 -9.46
N SER C 144 41.32 -6.39 -8.21
CA SER C 144 41.36 -7.65 -7.48
C SER C 144 40.06 -7.86 -6.70
N LEU C 145 39.77 -9.11 -6.34
CA LEU C 145 38.55 -9.48 -5.63
C LEU C 145 38.49 -8.88 -4.21
N ILE C 146 39.63 -8.81 -3.53
CA ILE C 146 39.67 -8.26 -2.17
C ILE C 146 39.31 -6.77 -2.10
N VAL C 147 39.78 -5.98 -3.08
CA VAL C 147 39.41 -4.56 -3.22
C VAL C 147 37.90 -4.43 -3.49
N LYS C 148 37.40 -5.20 -4.46
CA LYS C 148 35.98 -5.17 -4.81
C LYS C 148 35.08 -5.65 -3.66
N ASN C 149 35.57 -6.60 -2.86
CA ASN C 149 34.85 -6.99 -1.65
C ASN C 149 34.82 -5.88 -0.61
N SER C 150 35.96 -5.20 -0.43
CA SER C 150 36.05 -4.05 0.50
C SER C 150 35.03 -2.96 0.13
N MET C 151 34.86 -2.69 -1.16
CA MET C 151 33.86 -1.72 -1.62
C MET C 151 32.44 -2.17 -1.27
N GLN C 152 32.16 -3.46 -1.40
CA GLN C 152 30.83 -3.99 -1.13
C GLN C 152 30.53 -4.04 0.37
N VAL C 153 31.53 -4.39 1.17
CA VAL C 153 31.47 -4.28 2.63
C VAL C 153 30.96 -2.89 3.02
N VAL C 154 31.61 -1.86 2.45
CA VAL C 154 31.34 -0.46 2.77
C VAL C 154 29.95 -0.02 2.29
N MET C 155 29.66 -0.33 1.03
CA MET C 155 28.36 -0.13 0.40
C MET C 155 27.24 -0.68 1.27
N LEU C 156 27.36 -1.94 1.67
CA LEU C 156 26.34 -2.59 2.51
C LEU C 156 26.16 -2.00 3.92
N ILE C 157 27.26 -1.66 4.58
CA ILE C 157 27.17 -1.01 5.88
C ILE C 157 26.39 0.31 5.76
N GLU C 158 26.72 1.08 4.72
CA GLU C 158 26.12 2.40 4.55
C GLU C 158 24.65 2.36 4.13
N PHE C 159 24.25 1.35 3.35
CA PHE C 159 22.83 1.12 3.05
C PHE C 159 22.02 1.00 4.34
N GLU C 160 22.54 0.21 5.26
CA GLU C 160 21.92 0.02 6.57
C GLU C 160 21.86 1.31 7.38
N VAL C 161 22.92 2.12 7.30
CA VAL C 161 22.91 3.42 8.00
C VAL C 161 21.87 4.35 7.33
N LEU C 162 21.81 4.27 6.00
CA LEU C 162 20.90 5.11 5.22
C LEU C 162 19.44 4.83 5.54
N LYS C 163 19.10 3.55 5.66
CA LYS C 163 17.74 3.11 6.02
C LYS C 163 17.35 3.57 7.42
N ALA C 164 18.26 3.41 8.38
CA ALA C 164 17.94 3.69 9.78
C ALA C 164 17.87 5.19 10.04
N LYS C 165 18.73 5.94 9.34
CA LYS C 165 18.79 7.39 9.41
C LYS C 165 17.45 8.00 9.00
N ASN C 166 16.85 7.39 7.98
CA ASN C 166 15.64 7.89 7.34
C ASN C 166 14.35 7.25 7.84
N LEU C 167 14.43 6.60 9.00
CA LEU C 167 13.25 5.96 9.61
C LEU C 167 11.93 6.79 9.60
N LYS C 168 11.99 8.07 9.94
CA LYS C 168 10.77 8.89 10.04
C LYS C 168 10.11 9.24 8.69
N ARG C 169 10.77 8.91 7.58
CA ARG C 169 10.17 9.11 6.26
C ARG C 169 10.23 7.83 5.42
N ASN C 170 10.43 6.71 6.10
CA ASN C 170 10.50 5.40 5.45
C ASN C 170 9.11 4.76 5.50
N TYR C 171 8.21 5.35 4.74
CA TYR C 171 6.80 5.00 4.80
C TYR C 171 6.56 3.63 4.18
N LEU C 172 5.52 2.96 4.67
CA LEU C 172 5.07 1.73 4.05
C LEU C 172 4.54 2.09 2.68
N ILE C 173 4.91 1.28 1.70
CA ILE C 173 4.42 1.44 0.35
C ILE C 173 2.99 0.91 0.30
N ASN C 174 2.01 1.80 0.48
CA ASN C 174 0.64 1.49 0.12
C ASN C 174 0.45 1.81 -1.35
N SER C 175 -0.77 1.67 -1.87
CA SER C 175 -1.08 1.91 -3.28
C SER C 175 -0.65 3.29 -3.79
N GLU C 176 -1.02 4.33 -3.06
CA GLU C 176 -0.69 5.71 -3.42
C GLU C 176 0.84 5.93 -3.49
N VAL C 177 1.60 5.31 -2.58
CA VAL C 177 3.07 5.41 -2.58
C VAL C 177 3.69 4.60 -3.72
N LYS C 178 3.15 3.39 -3.93
CA LYS C 178 3.51 2.55 -5.07
C LYS C 178 3.50 3.26 -6.42
N ALA C 179 2.39 3.92 -6.72
CA ALA C 179 2.16 4.64 -7.97
C ALA C 179 3.08 5.84 -8.16
N LYS C 180 3.40 6.52 -7.07
CA LYS C 180 4.34 7.64 -7.12
C LYS C 180 5.78 7.14 -7.36
N LEU C 181 6.16 6.05 -6.67
CA LEU C 181 7.46 5.41 -6.90
C LEU C 181 7.61 4.88 -8.31
N LEU C 182 6.53 4.31 -8.86
CA LEU C 182 6.49 3.82 -10.26
C LEU C 182 6.72 4.93 -11.30
N HIS C 183 5.99 6.02 -11.14
CA HIS C 183 6.17 7.23 -11.93
C HIS C 183 7.64 7.65 -11.99
N TYR C 184 8.26 7.76 -10.81
CA TYR C 184 9.63 8.24 -10.69
C TYR C 184 10.69 7.24 -11.15
N LEU C 185 10.39 5.95 -11.04
CA LEU C 185 11.24 4.93 -11.64
C LEU C 185 11.21 5.04 -13.17
N ASN C 186 9.99 5.15 -13.73
CA ASN C 186 9.79 5.34 -15.17
C ASN C 186 10.44 6.62 -15.67
N LYS C 187 10.32 7.70 -14.89
CA LYS C 187 10.96 8.98 -15.23
C LYS C 187 12.47 8.82 -15.34
N LEU C 188 13.05 8.01 -14.45
CA LEU C 188 14.48 7.72 -14.47
C LEU C 188 14.88 6.86 -15.68
N VAL C 189 14.05 5.86 -15.96
CA VAL C 189 14.31 4.91 -17.05
C VAL C 189 14.31 5.62 -18.38
N ASP C 190 13.35 6.52 -18.55
CA ASP C 190 13.18 7.30 -19.78
C ASP C 190 14.16 8.47 -19.94
N ALA C 191 14.89 8.78 -18.87
CA ALA C 191 15.83 9.90 -18.83
C ALA C 191 16.97 9.84 -19.85
N THR C 192 17.11 10.93 -20.62
CA THR C 192 18.19 11.10 -21.58
C THR C 192 19.24 12.07 -21.02
N GLU C 193 20.37 12.21 -21.71
CA GLU C 193 21.44 13.10 -21.28
C GLU C 193 20.98 14.57 -21.24
N LYS C 194 20.04 14.92 -22.11
CA LYS C 194 19.48 16.29 -22.19
C LYS C 194 18.42 16.59 -21.12
N LYS C 195 17.60 15.59 -20.79
CA LYS C 195 16.56 15.74 -19.76
C LYS C 195 17.18 15.89 -18.38
N ILE C 196 18.28 15.18 -18.13
CA ILE C 196 18.92 15.13 -16.82
C ILE C 196 19.63 16.43 -16.50
N ASN C 197 20.29 17.01 -17.50
CA ASN C 197 21.02 18.26 -17.34
C ASN C 197 20.13 19.49 -17.07
N GLN C 198 18.96 19.53 -17.71
CA GLN C 198 17.99 20.60 -17.44
C GLN C 198 17.47 20.48 -16.01
N ALA C 199 17.20 19.25 -15.58
CA ALA C 199 16.78 18.99 -14.21
C ALA C 199 17.86 19.43 -13.23
N LEU C 200 19.09 18.97 -13.45
CA LEU C 200 20.19 19.18 -12.51
C LEU C 200 20.83 20.57 -12.56
N LEU C 201 21.01 21.10 -13.78
CA LEU C 201 21.70 22.37 -13.98
C LEU C 201 20.78 23.56 -14.31
N GLY C 202 19.52 23.28 -14.66
CA GLY C 202 18.54 24.33 -14.98
C GLY C 202 18.88 25.05 -16.26
N ALA C 203 18.89 26.38 -16.20
CA ALA C 203 19.24 27.21 -17.36
C ALA C 203 20.73 27.15 -17.69
N SER C 204 21.51 26.48 -16.84
CA SER C 204 22.97 26.45 -17.00
C SER C 204 23.38 25.34 -17.97
N SER C 205 22.39 24.66 -18.55
CA SER C 205 22.64 23.45 -19.32
C SER C 205 23.40 23.77 -20.61
N PRO C 206 24.51 23.08 -20.81
CA PRO C 206 25.48 23.45 -21.85
C PRO C 206 25.01 23.02 -23.24
N LYS C 207 25.51 23.70 -24.28
CA LYS C 207 25.14 23.37 -25.65
C LYS C 207 23.68 22.92 -25.74
N ASN C 208 23.42 21.96 -26.62
CA ASN C 208 22.23 21.13 -26.51
C ASN C 208 22.52 19.65 -26.76
N LEU C 209 22.51 18.86 -25.68
CA LEU C 209 23.04 17.51 -25.71
C LEU C 209 21.99 16.52 -26.23
N ASP C 210 22.30 15.23 -26.11
CA ASP C 210 21.51 14.20 -26.78
C ASP C 210 20.20 13.93 -26.03
N ASP C 211 19.12 13.75 -26.78
CA ASP C 211 17.80 13.56 -26.19
C ASP C 211 17.17 12.26 -26.68
N LYS C 212 18.00 11.34 -27.14
CA LYS C 212 17.52 10.05 -27.66
C LYS C 212 17.91 8.84 -26.80
N VAL C 213 19.21 8.68 -26.55
CA VAL C 213 19.73 7.50 -25.85
C VAL C 213 19.43 7.57 -24.35
N LYS C 214 18.69 6.56 -23.86
CA LYS C 214 18.43 6.41 -22.42
C LYS C 214 19.66 5.87 -21.71
N LEU C 215 20.12 6.59 -20.70
CA LEU C 215 21.26 6.17 -19.91
C LEU C 215 20.96 4.88 -19.17
N SER C 216 19.70 4.70 -18.76
CA SER C 216 19.24 3.48 -18.07
C SER C 216 19.50 2.19 -18.83
N GLU C 217 19.67 2.32 -20.15
CA GLU C 217 19.77 1.19 -21.08
C GLU C 217 20.53 -0.07 -20.60
N PRO C 218 21.82 0.08 -20.22
CA PRO C 218 22.56 -1.11 -19.80
C PRO C 218 22.26 -1.57 -18.37
N PHE C 219 21.36 -0.87 -17.68
CA PHE C 219 21.01 -1.19 -16.30
C PHE C 219 19.65 -1.88 -16.16
N MET C 220 18.98 -2.12 -17.29
CA MET C 220 17.63 -2.71 -17.32
C MET C 220 17.58 -4.19 -16.94
N GLU C 221 18.48 -4.97 -17.55
CA GLU C 221 18.48 -6.41 -17.40
C GLU C 221 19.81 -6.85 -16.82
N LEU C 222 19.81 -8.00 -16.18
CA LEU C 222 21.05 -8.57 -15.67
C LEU C 222 22.04 -8.98 -16.77
N VAL C 223 23.33 -8.76 -16.49
CA VAL C 223 24.45 -9.23 -17.31
C VAL C 223 24.35 -10.75 -17.53
N ASP C 224 24.53 -11.19 -18.77
CA ASP C 224 24.52 -12.63 -19.06
C ASP C 224 25.80 -13.26 -18.48
N LYS C 225 25.63 -14.19 -17.52
CA LYS C 225 26.76 -14.85 -16.85
C LYS C 225 27.68 -15.62 -17.81
N ASP C 226 27.11 -16.15 -18.90
CA ASP C 226 27.91 -16.85 -19.90
C ASP C 226 28.74 -15.90 -20.77
N GLU C 227 28.20 -14.70 -21.02
CA GLU C 227 28.92 -13.66 -21.77
C GLU C 227 30.02 -13.02 -20.90
N LEU C 228 29.69 -12.76 -19.64
CA LEU C 228 30.62 -12.09 -18.73
C LEU C 228 30.74 -12.83 -17.39
N PRO C 229 31.39 -14.01 -17.39
CA PRO C 229 31.40 -14.82 -16.16
C PRO C 229 32.02 -14.09 -14.94
N GLU C 230 33.07 -13.29 -15.17
CA GLU C 230 33.73 -12.54 -14.12
C GLU C 230 32.80 -11.56 -13.37
N TYR C 231 31.68 -11.18 -14.01
CA TYR C 231 30.78 -10.23 -13.39
C TYR C 231 30.21 -10.78 -12.09
N TYR C 232 29.86 -12.06 -12.10
CA TYR C 232 29.24 -12.74 -10.95
C TYR C 232 30.25 -13.26 -9.93
N GLU C 233 31.53 -13.28 -10.31
CA GLU C 233 32.60 -13.50 -9.33
C GLU C 233 32.78 -12.26 -8.46
N ILE C 234 32.56 -11.09 -9.06
CA ILE C 234 32.79 -9.79 -8.44
C ILE C 234 31.54 -9.26 -7.71
N VAL C 235 30.44 -9.17 -8.45
CA VAL C 235 29.24 -8.51 -7.96
C VAL C 235 28.37 -9.48 -7.16
N HIS C 236 28.36 -9.30 -5.84
CA HIS C 236 27.75 -10.29 -4.97
C HIS C 236 26.23 -10.16 -4.79
N SER C 237 25.65 -8.96 -4.97
CA SER C 237 24.18 -8.82 -4.95
C SER C 237 23.67 -8.19 -6.25
N PRO C 238 23.62 -8.99 -7.34
CA PRO C 238 23.26 -8.48 -8.67
C PRO C 238 21.87 -7.91 -8.62
N MET C 239 21.66 -6.77 -9.28
CA MET C 239 20.35 -6.14 -9.40
C MET C 239 20.25 -5.42 -10.77
N ALA C 240 19.03 -5.27 -11.28
CA ALA C 240 18.80 -4.58 -12.55
C ALA C 240 17.44 -3.91 -12.49
N LEU C 241 17.24 -2.86 -13.28
CA LEU C 241 16.08 -1.97 -13.08
C LEU C 241 14.70 -2.63 -13.33
N SER C 242 14.64 -3.57 -14.27
CA SER C 242 13.37 -4.28 -14.53
C SER C 242 12.96 -5.24 -13.40
N ILE C 243 13.94 -5.81 -12.70
CA ILE C 243 13.69 -6.55 -11.45
C ILE C 243 13.14 -5.62 -10.35
N VAL C 244 13.69 -4.41 -10.25
CA VAL C 244 13.16 -3.39 -9.30
C VAL C 244 11.73 -2.99 -9.68
N LYS C 245 11.48 -2.75 -10.95
CA LYS C 245 10.12 -2.45 -11.41
C LYS C 245 9.14 -3.57 -10.98
N GLN C 246 9.44 -4.80 -11.38
CA GLN C 246 8.64 -5.98 -10.99
C GLN C 246 8.36 -6.15 -9.47
N ASN C 247 9.42 -6.11 -8.66
CA ASN C 247 9.29 -6.15 -7.20
C ASN C 247 8.34 -5.08 -6.66
N LEU C 248 8.45 -3.88 -7.20
CA LEU C 248 7.57 -2.78 -6.86
C LEU C 248 6.11 -3.08 -7.25
N GLU C 249 5.89 -3.53 -8.49
CA GLU C 249 4.56 -3.86 -8.98
C GLU C 249 3.81 -4.95 -8.21
N ILE C 250 4.50 -6.04 -7.86
CA ILE C 250 3.90 -7.16 -7.11
C ILE C 250 4.08 -7.04 -5.58
N GLY C 251 4.53 -5.87 -5.15
CA GLY C 251 4.54 -5.51 -3.74
C GLY C 251 5.53 -6.26 -2.90
N GLN C 252 6.77 -6.38 -3.42
CA GLN C 252 7.86 -7.07 -2.74
C GLN C 252 8.72 -6.11 -1.91
N TYR C 253 8.50 -4.81 -2.09
CA TYR C 253 9.11 -3.82 -1.21
C TYR C 253 8.08 -3.31 -0.19
N SER C 254 8.38 -3.58 1.07
CA SER C 254 7.60 -3.16 2.23
C SER C 254 7.52 -1.63 2.39
N LYS C 255 8.69 -1.00 2.34
CA LYS C 255 8.89 0.38 2.77
C LYS C 255 9.70 1.13 1.72
N ILE C 256 9.63 2.45 1.71
CA ILE C 256 10.26 3.25 0.64
C ILE C 256 11.75 2.92 0.43
N TYR C 257 12.49 2.74 1.53
CA TYR C 257 13.94 2.57 1.47
C TYR C 257 14.43 1.16 1.04
N ASP C 258 13.51 0.18 1.00
CA ASP C 258 13.77 -1.11 0.37
C ASP C 258 13.92 -0.88 -1.14
N PHE C 259 12.99 -0.12 -1.71
CA PHE C 259 13.08 0.28 -3.11
C PHE C 259 14.34 1.13 -3.38
N ILE C 260 14.57 2.13 -2.53
CA ILE C 260 15.65 3.09 -2.73
C ILE C 260 17.02 2.42 -2.69
N ILE C 261 17.24 1.53 -1.72
CA ILE C 261 18.50 0.79 -1.62
C ILE C 261 18.72 -0.07 -2.87
N ASP C 262 17.69 -0.82 -3.30
CA ASP C 262 17.82 -1.69 -4.47
C ASP C 262 18.19 -0.89 -5.72
N MET C 263 17.68 0.34 -5.79
CA MET C 263 18.00 1.29 -6.87
C MET C 263 19.45 1.72 -6.79
N LEU C 264 19.88 2.07 -5.57
CA LEU C 264 21.26 2.47 -5.35
C LEU C 264 22.21 1.29 -5.62
N LEU C 265 21.76 0.06 -5.31
CA LEU C 265 22.52 -1.16 -5.53
C LEU C 265 22.87 -1.35 -7.05
N VAL C 266 21.90 -1.15 -7.92
CA VAL C 266 22.13 -1.17 -9.37
C VAL C 266 23.30 -0.27 -9.76
N PHE C 267 23.22 1.01 -9.43
CA PHE C 267 24.24 1.98 -9.85
C PHE C 267 25.58 1.78 -9.14
N GLN C 268 25.53 1.32 -7.89
CA GLN C 268 26.76 1.07 -7.14
C GLN C 268 27.53 -0.16 -7.63
N ASN C 269 26.81 -1.23 -7.96
CA ASN C 269 27.38 -2.43 -8.57
C ASN C 269 28.15 -2.07 -9.85
N ALA C 270 27.60 -1.16 -10.64
CA ALA C 270 28.26 -0.68 -11.84
C ALA C 270 29.59 -0.02 -11.50
N HIS C 271 29.64 0.70 -10.38
CA HIS C 271 30.86 1.35 -9.90
C HIS C 271 31.90 0.36 -9.38
N ILE C 272 31.44 -0.77 -8.84
CA ILE C 272 32.31 -1.78 -8.25
C ILE C 272 32.95 -2.58 -9.36
N PHE C 273 32.10 -3.05 -10.28
CA PHE C 273 32.56 -3.90 -11.36
C PHE C 273 33.41 -3.17 -12.38
N ASN C 274 32.95 -2.01 -12.84
CA ASN C 274 33.61 -1.31 -13.95
C ASN C 274 34.72 -0.37 -13.51
N ASP C 275 35.63 -0.09 -14.44
CA ASP C 275 36.69 0.88 -14.21
C ASP C 275 36.08 2.27 -14.34
N PRO C 276 36.48 3.22 -13.47
CA PRO C 276 36.05 4.61 -13.53
C PRO C 276 36.16 5.25 -14.92
N SER C 277 37.12 4.81 -15.72
CA SER C 277 37.32 5.36 -17.05
C SER C 277 36.28 4.86 -18.06
N ALA C 278 35.54 3.82 -17.70
CA ALA C 278 34.54 3.25 -18.59
C ALA C 278 33.31 4.14 -18.69
N LEU C 279 32.60 4.04 -19.81
CA LEU C 279 31.52 4.97 -20.12
C LEU C 279 30.31 4.72 -19.24
N ILE C 280 30.10 3.45 -18.87
CA ILE C 280 28.92 3.06 -18.11
C ILE C 280 29.09 3.39 -16.63
N TYR C 281 30.34 3.46 -16.18
CA TYR C 281 30.65 3.97 -14.85
C TYR C 281 30.16 5.42 -14.74
N LYS C 282 30.45 6.22 -15.77
CA LYS C 282 29.97 7.62 -15.85
C LYS C 282 28.44 7.70 -15.82
N ASP C 283 27.79 6.87 -16.65
CA ASP C 283 26.33 6.77 -16.71
C ASP C 283 25.71 6.43 -15.36
N ALA C 284 26.33 5.50 -14.64
CA ALA C 284 25.86 5.15 -13.29
C ALA C 284 25.93 6.35 -12.31
N THR C 285 26.94 7.21 -12.48
CA THR C 285 27.09 8.40 -11.67
C THR C 285 25.98 9.38 -12.00
N THR C 286 25.71 9.57 -13.28
CA THR C 286 24.71 10.52 -13.74
C THR C 286 23.32 10.07 -13.26
N LEU C 287 23.03 8.79 -13.43
CA LEU C 287 21.75 8.24 -12.98
C LEU C 287 21.58 8.27 -11.46
N THR C 288 22.67 8.06 -10.71
CA THR C 288 22.63 8.11 -9.24
C THR C 288 22.32 9.54 -8.78
N ASN C 289 22.96 10.50 -9.42
CA ASN C 289 22.68 11.89 -9.15
C ASN C 289 21.25 12.31 -9.55
N TYR C 290 20.77 11.82 -10.70
CA TYR C 290 19.43 12.16 -11.15
C TYR C 290 18.36 11.48 -10.31
N PHE C 291 18.60 10.24 -9.89
CA PHE C 291 17.71 9.51 -8.99
C PHE C 291 17.53 10.22 -7.64
N ASN C 292 18.64 10.61 -7.02
CA ASN C 292 18.57 11.28 -5.74
C ASN C 292 18.01 12.71 -5.86
N TYR C 293 18.23 13.34 -7.02
CA TYR C 293 17.49 14.56 -7.36
C TYR C 293 15.99 14.29 -7.35
N LEU C 294 15.58 13.24 -8.06
CA LEU C 294 14.18 12.85 -8.16
C LEU C 294 13.54 12.49 -6.81
N ILE C 295 14.32 11.87 -5.93
CA ILE C 295 13.83 11.48 -4.62
C ILE C 295 13.73 12.67 -3.66
N GLN C 296 14.78 13.49 -3.62
CA GLN C 296 14.86 14.61 -2.67
C GLN C 296 14.08 15.87 -3.08
N LYS C 297 14.16 16.25 -4.36
CA LYS C 297 13.56 17.51 -4.82
C LYS C 297 12.11 17.34 -5.27
N GLU C 298 11.75 16.15 -5.72
CA GLU C 298 10.43 15.93 -6.31
C GLU C 298 9.55 14.93 -5.56
N PHE C 299 10.04 13.70 -5.35
CA PHE C 299 9.23 12.65 -4.74
C PHE C 299 8.78 12.98 -3.31
N PHE C 300 9.73 13.23 -2.40
CA PHE C 300 9.39 13.52 -1.00
C PHE C 300 8.66 14.86 -0.77
N PRO C 301 9.05 15.95 -1.47
CA PRO C 301 8.24 17.18 -1.38
C PRO C 301 6.80 16.99 -1.88
N GLU C 302 6.62 16.22 -2.94
CA GLU C 302 5.30 15.86 -3.43
C GLU C 302 4.50 15.07 -2.39
N LEU C 303 5.11 14.05 -1.80
CA LEU C 303 4.44 13.26 -0.77
C LEU C 303 4.08 14.13 0.44
N GLN C 304 4.97 15.04 0.79
CA GLN C 304 4.82 15.92 1.95
C GLN C 304 3.70 16.93 1.72
N ASP C 305 3.66 17.49 0.50
CA ASP C 305 2.58 18.37 0.06
C ASP C 305 1.24 17.66 0.10
N LEU C 306 1.14 16.55 -0.63
CA LEU C 306 -0.09 15.78 -0.73
C LEU C 306 -0.52 15.24 0.63
N ASN C 307 0.43 15.09 1.55
CA ASN C 307 0.09 14.64 2.90
C ASN C 307 -0.57 15.75 3.71
N GLU C 308 0.07 16.92 3.76
CA GLU C 308 -0.45 18.09 4.48
C GLU C 308 -1.86 18.50 4.03
N ARG C 309 -2.13 18.26 2.76
CA ARG C 309 -3.41 18.61 2.14
C ARG C 309 -4.44 17.48 2.21
N GLY C 310 -4.11 16.42 2.94
CA GLY C 310 -4.97 15.24 3.06
C GLY C 310 -5.26 14.55 1.74
N GLU C 311 -4.20 14.21 1.00
CA GLU C 311 -4.32 13.58 -0.32
C GLU C 311 -3.63 12.21 -0.36
N ILE C 312 -2.57 12.04 0.44
CA ILE C 312 -1.86 10.75 0.53
C ILE C 312 -1.77 10.26 1.98
N ASN C 313 -1.93 8.95 2.16
CA ASN C 313 -1.83 8.31 3.46
C ASN C 313 -0.41 7.77 3.73
N LEU C 314 0.38 8.53 4.49
CA LEU C 314 1.77 8.16 4.78
C LEU C 314 1.90 7.51 6.15
N GLU C 315 2.19 6.22 6.17
CA GLU C 315 2.17 5.40 7.39
C GLU C 315 3.53 4.83 7.79
N PHE C 316 3.59 4.22 8.97
CA PHE C 316 4.87 3.82 9.60
C PHE C 316 4.95 2.35 10.00
N ASP C 317 6.09 1.99 10.59
CA ASP C 317 6.36 0.63 11.05
C ASP C 317 7.26 0.62 12.29
N LYS C 318 7.24 -0.48 13.03
CA LYS C 318 8.18 -0.76 14.13
C LYS C 318 8.47 -2.25 14.29
N PHE C 319 9.34 -2.77 13.41
CA PHE C 319 9.71 -4.18 13.42
C PHE C 319 10.77 -4.44 14.49
S SO4 D . -32.59 -0.85 14.87
O1 SO4 D . -33.09 -0.74 13.50
O2 SO4 D . -32.81 -2.20 15.36
O3 SO4 D . -31.15 -0.58 14.97
O4 SO4 D . -33.31 0.10 15.73
S SO4 E . -39.28 4.30 15.87
O1 SO4 E . -39.49 3.85 14.49
O2 SO4 E . -38.80 3.16 16.66
O3 SO4 E . -38.30 5.39 15.89
O4 SO4 E . -40.55 4.77 16.41
S SO4 F . -30.04 17.86 8.28
O1 SO4 F . -29.83 18.11 6.85
O2 SO4 F . -29.37 16.61 8.62
O3 SO4 F . -29.42 18.96 9.08
O4 SO4 F . -31.47 17.68 8.56
S SO4 G . 53.77 -7.59 2.59
O1 SO4 G . 54.32 -6.68 1.58
O2 SO4 G . 53.14 -8.72 1.93
O3 SO4 G . 54.78 -8.06 3.53
O4 SO4 G . 52.77 -6.86 3.38
S SO4 H . 46.28 -13.96 2.68
O1 SO4 H . 47.34 -13.68 1.71
O2 SO4 H . 46.18 -15.40 2.88
O3 SO4 H . 46.57 -13.34 3.98
O4 SO4 H . 45.01 -13.43 2.21
#